data_7G73
#
_entry.id   7G73
#
_cell.length_a   84.221
_cell.length_b   91.859
_cell.length_c   120.559
_cell.angle_alpha   90.000
_cell.angle_beta   90.000
_cell.angle_gamma   90.000
#
_symmetry.space_group_name_H-M   'P 21 21 21'
#
loop_
_entity.id
_entity.type
_entity.pdbx_description
1 polymer 'Isoform 2 of Ectonucleotide pyrophosphatase/phosphodiesterase family member 2'
2 branched alpha-D-mannopyranose-(1-2)-alpha-D-mannopyranose-(1-3)-[alpha-D-mannopyranose-(1-6)]alpha-D-mannopyranose-(1-6)-[alpha-D-mannopyranose-(1-2)-alpha-D-mannopyranose-(1-3)]alpha-D-mannopyranose-(1-4)-2-acetamido-2-deoxy-beta-D-glucopyranose-(1-4)-2-acetamido-2-deoxy-beta-D-glucopyranose
3 non-polymer 6-(4-acetylpiperazin-1-yl)-3-({1-[(3,4-dichlorophenyl)methyl]-1H-1,2,3-triazol-4-yl}methyl)quinazolin-4(3H)-one
4 non-polymer 'ACETATE ION'
5 non-polymer 'ZINC ION'
6 non-polymer 'SODIUM ION'
7 non-polymer 'CALCIUM ION'
8 non-polymer 'POTASSIUM ION'
9 water water
#
_entity_poly.entity_id   1
_entity_poly.type   'polypeptide(L)'
_entity_poly.pdbx_seq_one_letter_code
;FTASRIKRAEWDEGPPTVLSDSPWTATSGSCKGRCFELQEVGPPDCRCDNLCKSYSSCCHDFDELCLKTARGWECTKDRC
GEVRNEENACHCSEDCLSRGDCCTNYQVVCKGESHWVDDDCEEIKVPECPAGFVRPPLIIFSVDGFRASYMKKGSKVMPN
IEKLRSCGTHAPYMRPVYPTKTFPNLYTLATGLYPESHGIVGNSMYDPVFDASFHLRGREKFNHRWWGGQPLWITATKQG
VRAGTFFWSVSIPHERRILTILQWLSLPDNERPSVYAFYSEQPDFSGHKYGPFGPEMTNPLREIDKTVGQLMDGLKQLRL
HRCVNVIFVGDHGMEDVTCDRTEFLSNYLTNVDDITLVPGTLGRIRAKSINNSKYDPKTIIAALTCKKPDQHFKPYMKQH
LPKRLHYANNRRIEDIHLLVDRRWHVARKPLDVYKKPSGKCFFQGDHGFDNKVNSMQTVFVGYGPTFKYRTKVPPFENIE
LYNVMCDLLGLKPAPNNGTHGSLNHLLRTNTFRPTMPDEVSRPNYPGIMYLQSEFDLGCTCDDKVEPKNKLEELNKRLHT
KGSTKERHLLYGRPAVLYRTSYDILYHTDFESGYSEIFLMPLWTSYTISKQAEVSSIPEHLTNCVRPDVRVSPGFSQNCL
AYKNDKQMSYGFLFPPYLSSSPEAKYDAFLVTNMVPMYPAFKRVWAYFQRVLVKKYASERNGVNVISGPIFDYNYDGLRD
TEDEIKQYVEGSSIPVPTHYYSIITSCLDFTQPADKCDGPLSVSSFILPHRPDNDESCNSSEDESKWVEELMKMHTARVR
DIEHLTGLDFYRKTSRSYSEILTLKTYLHTYESEIGGRHHHHHHHH
;
_entity_poly.pdbx_strand_id   A
#
loop_
_chem_comp.id
_chem_comp.type
_chem_comp.name
_chem_comp.formula
ACT non-polymer 'ACETATE ION' 'C2 H3 O2 -1'
CA non-polymer 'CALCIUM ION' 'Ca 2'
K non-polymer 'POTASSIUM ION' 'K 1'
MAN D-saccharide, alpha linking alpha-D-mannopyranose 'C6 H12 O6'
NA non-polymer 'SODIUM ION' 'Na 1'
NAG D-saccharide, beta linking 2-acetamido-2-deoxy-beta-D-glucopyranose 'C8 H15 N O6'
XEE non-polymer 6-(4-acetylpiperazin-1-yl)-3-({1-[(3,4-dichlorophenyl)methyl]-1H-1,2,3-triazol-4-yl}methyl)quinazolin-4(3H)-one 'C24 H23 Cl2 N7 O2'
ZN non-polymer 'ZINC ION' 'Zn 2'
#
# COMPACT_ATOMS: atom_id res chain seq x y z
N THR A 27 -41.05 11.59 12.07
CA THR A 27 -41.63 12.93 12.23
C THR A 27 -41.90 13.57 10.85
N SER A 28 -42.06 14.90 10.82
CA SER A 28 -42.96 15.56 9.87
C SER A 28 -42.27 16.26 8.71
N GLY A 29 -43.02 16.33 7.60
CA GLY A 29 -42.64 16.93 6.35
C GLY A 29 -42.93 16.03 5.17
N SER A 30 -42.58 16.52 3.98
CA SER A 30 -42.82 15.81 2.72
C SER A 30 -41.60 15.94 1.82
N CYS A 31 -41.34 14.90 1.01
CA CYS A 31 -40.26 14.97 0.05
C CYS A 31 -40.70 15.54 -1.29
N LYS A 32 -41.89 16.13 -1.40
CA LYS A 32 -42.28 16.69 -2.68
C LYS A 32 -41.30 17.80 -3.07
N GLY A 33 -40.76 17.71 -4.28
CA GLY A 33 -39.75 18.66 -4.74
C GLY A 33 -38.38 18.47 -4.11
N ARG A 34 -38.16 17.39 -3.37
CA ARG A 34 -36.95 17.22 -2.56
C ARG A 34 -36.24 15.90 -2.82
N CYS A 35 -36.68 15.09 -3.79
CA CYS A 35 -36.14 13.73 -3.87
C CYS A 35 -34.66 13.75 -4.16
N PHE A 36 -33.90 12.99 -3.35
CA PHE A 36 -32.45 12.92 -3.45
C PHE A 36 -31.83 14.32 -3.39
N GLU A 37 -32.38 15.15 -2.51
CA GLU A 37 -31.74 16.42 -2.19
C GLU A 37 -30.30 16.17 -1.74
N LEU A 38 -29.43 17.14 -2.07
CA LEU A 38 -28.00 16.98 -1.85
C LEU A 38 -27.59 17.34 -0.41
N GLN A 39 -28.20 18.37 0.19
CA GLN A 39 -27.89 18.79 1.54
C GLN A 39 -28.82 18.10 2.51
N GLU A 40 -28.26 17.50 3.55
CA GLU A 40 -29.04 16.76 4.54
C GLU A 40 -29.59 17.69 5.60
N VAL A 41 -30.88 17.53 5.93
CA VAL A 41 -31.55 18.45 6.84
C VAL A 41 -31.52 17.91 8.25
N GLY A 42 -31.41 18.83 9.21
CA GLY A 42 -31.28 18.48 10.60
C GLY A 42 -32.60 18.33 11.31
N PRO A 43 -32.60 17.57 12.41
CA PRO A 43 -33.83 17.32 13.18
C PRO A 43 -34.54 18.61 13.55
N PRO A 44 -35.86 18.54 13.78
CA PRO A 44 -36.69 17.33 13.73
C PRO A 44 -37.25 17.11 12.31
N ASP A 45 -36.82 17.96 11.38
CA ASP A 45 -37.28 17.88 9.99
C ASP A 45 -36.83 16.57 9.35
N CYS A 46 -37.73 15.94 8.61
CA CYS A 46 -37.45 14.64 8.01
C CYS A 46 -36.61 14.80 6.74
N ARG A 47 -35.97 13.70 6.33
CA ARG A 47 -34.94 13.76 5.31
C ARG A 47 -35.41 13.17 3.96
N CYS A 48 -34.77 13.61 2.86
CA CYS A 48 -35.09 13.11 1.53
C CYS A 48 -33.86 12.78 0.71
N ASP A 49 -32.70 12.72 1.34
CA ASP A 49 -31.40 12.46 0.70
C ASP A 49 -31.15 10.96 0.60
N ASN A 50 -30.07 10.61 -0.15
CA ASN A 50 -29.88 9.18 -0.48
C ASN A 50 -29.39 8.35 0.70
N LEU A 51 -29.26 8.93 1.90
CA LEU A 51 -29.01 8.12 3.09
C LEU A 51 -30.17 8.12 4.09
N CYS A 52 -31.30 8.73 3.79
CA CYS A 52 -32.29 8.80 4.84
C CYS A 52 -32.80 7.41 5.26
N LYS A 53 -32.82 6.42 4.33
CA LYS A 53 -33.30 5.10 4.68
C LYS A 53 -32.40 4.47 5.73
N SER A 54 -31.10 4.78 5.67
CA SER A 54 -30.17 4.10 6.59
C SER A 54 -30.41 4.55 8.00
N TYR A 55 -30.91 5.76 8.15
CA TYR A 55 -31.20 6.37 9.44
C TYR A 55 -32.65 6.20 9.86
N SER A 56 -33.47 5.49 9.09
CA SER A 56 -34.91 5.43 9.33
C SER A 56 -35.50 6.82 9.54
N SER A 57 -35.08 7.77 8.71
CA SER A 57 -35.41 9.17 8.91
C SER A 57 -36.02 9.82 7.67
N CYS A 58 -36.46 9.04 6.68
CA CYS A 58 -37.10 9.63 5.50
C CYS A 58 -38.49 10.15 5.84
N CYS A 59 -38.91 11.20 5.13
CA CYS A 59 -40.32 11.59 5.18
C CYS A 59 -41.20 10.43 4.74
N HIS A 60 -42.45 10.44 5.22
CA HIS A 60 -43.34 9.30 5.00
C HIS A 60 -43.64 9.08 3.53
N ASP A 61 -43.47 10.09 2.68
CA ASP A 61 -43.77 9.91 1.27
C ASP A 61 -42.52 9.69 0.42
N PHE A 62 -41.39 9.36 1.06
CA PHE A 62 -40.17 9.18 0.31
C PHE A 62 -40.29 7.99 -0.65
N ASP A 63 -40.80 6.85 -0.17
CA ASP A 63 -40.94 5.73 -1.11
C ASP A 63 -41.83 6.11 -2.28
N GLU A 64 -42.95 6.75 -1.98
CA GLU A 64 -43.95 7.07 -2.99
C GLU A 64 -43.39 8.01 -4.03
N LEU A 65 -42.67 9.03 -3.57
CA LEU A 65 -42.23 10.08 -4.49
C LEU A 65 -40.86 9.77 -5.08
N CYS A 66 -39.95 9.23 -4.27
CA CYS A 66 -38.54 9.16 -4.66
C CYS A 66 -38.13 7.81 -5.16
N LEU A 67 -38.85 6.75 -4.78
CA LEU A 67 -38.47 5.40 -5.19
C LEU A 67 -39.54 4.83 -6.11
N LYS A 68 -39.96 5.62 -7.09
CA LYS A 68 -40.86 5.11 -8.12
C LYS A 68 -40.23 3.94 -8.87
N THR A 69 -41.10 2.97 -9.22
CA THR A 69 -40.72 1.77 -9.95
C THR A 69 -41.64 1.42 -11.11
N ALA A 70 -42.77 2.13 -11.31
CA ALA A 70 -43.76 1.72 -12.31
C ALA A 70 -43.13 1.60 -13.70
N ARG A 71 -43.41 0.49 -14.37
CA ARG A 71 -43.00 0.19 -15.74
C ARG A 71 -41.51 -0.08 -15.87
N GLY A 72 -40.79 -0.18 -14.77
CA GLY A 72 -39.42 -0.64 -14.84
C GLY A 72 -38.48 0.42 -15.37
N TRP A 73 -37.33 -0.02 -15.89
CA TRP A 73 -36.24 0.91 -16.10
C TRP A 73 -35.90 1.17 -17.55
N GLU A 74 -36.67 0.59 -18.50
CA GLU A 74 -36.33 0.61 -19.91
C GLU A 74 -37.49 1.15 -20.73
N CYS A 75 -37.20 2.10 -21.63
CA CYS A 75 -38.17 2.42 -22.67
C CYS A 75 -38.41 1.25 -23.59
N THR A 76 -39.65 1.14 -24.08
CA THR A 76 -40.03 0.24 -25.14
C THR A 76 -40.64 1.05 -26.28
N LYS A 77 -40.75 0.42 -27.45
CA LYS A 77 -41.20 1.13 -28.64
C LYS A 77 -42.55 1.79 -28.41
N ASP A 78 -43.43 1.14 -27.63
CA ASP A 78 -44.79 1.62 -27.45
C ASP A 78 -44.90 2.77 -26.45
N ARG A 79 -43.83 3.05 -25.70
CA ARG A 79 -43.77 4.18 -24.79
C ARG A 79 -43.19 5.43 -25.45
N CYS A 80 -42.60 5.30 -26.64
CA CYS A 80 -41.96 6.45 -27.25
C CYS A 80 -42.95 7.58 -27.47
N GLY A 81 -42.61 8.75 -26.97
CA GLY A 81 -43.49 9.89 -27.09
C GLY A 81 -44.75 9.81 -26.27
N GLU A 82 -44.80 8.91 -25.28
CA GLU A 82 -45.95 8.83 -24.40
C GLU A 82 -46.22 10.19 -23.77
N VAL A 83 -47.45 10.42 -23.33
CA VAL A 83 -47.71 11.52 -22.40
C VAL A 83 -47.03 11.22 -21.07
N ARG A 84 -46.34 12.22 -20.52
CA ARG A 84 -45.61 12.00 -19.27
C ARG A 84 -46.56 11.55 -18.16
N ASN A 85 -46.18 10.47 -17.49
CA ASN A 85 -46.92 9.95 -16.34
C ASN A 85 -45.93 9.96 -15.17
N GLU A 86 -46.13 10.87 -14.22
CA GLU A 86 -45.14 11.06 -13.17
C GLU A 86 -45.04 9.85 -12.25
N GLU A 87 -45.97 8.91 -12.31
CA GLU A 87 -45.81 7.71 -11.50
C GLU A 87 -44.69 6.79 -12.02
N ASN A 88 -44.23 6.98 -13.25
CA ASN A 88 -43.26 6.07 -13.84
C ASN A 88 -41.86 6.21 -13.24
N ALA A 89 -41.15 5.08 -13.20
CA ALA A 89 -39.77 5.08 -12.69
C ALA A 89 -38.86 5.97 -13.53
N CYS A 90 -39.02 5.92 -14.86
CA CYS A 90 -38.30 6.81 -15.76
C CYS A 90 -39.19 7.02 -16.99
N HIS A 91 -38.76 7.89 -17.89
CA HIS A 91 -39.70 8.45 -18.85
C HIS A 91 -39.25 8.25 -20.29
N CYS A 92 -40.24 8.17 -21.18
CA CYS A 92 -39.99 8.05 -22.60
C CYS A 92 -40.77 9.13 -23.35
N SER A 93 -41.32 10.09 -22.62
CA SER A 93 -42.01 11.24 -23.16
C SER A 93 -41.04 12.18 -23.87
N GLU A 94 -41.56 12.97 -24.82
CA GLU A 94 -40.71 13.84 -25.61
C GLU A 94 -39.97 14.86 -24.74
N ASP A 95 -40.52 15.23 -23.59
CA ASP A 95 -39.88 16.24 -22.76
C ASP A 95 -38.83 15.68 -21.81
N CYS A 96 -38.49 14.38 -21.92
CA CYS A 96 -37.73 13.79 -20.82
C CYS A 96 -36.26 14.25 -20.84
N LEU A 97 -35.67 14.45 -22.02
CA LEU A 97 -34.30 14.94 -22.05
C LEU A 97 -34.19 16.31 -21.38
N SER A 98 -35.15 17.20 -21.67
CA SER A 98 -35.14 18.52 -21.05
CA SER A 98 -35.14 18.52 -21.05
C SER A 98 -35.29 18.43 -19.54
N ARG A 99 -36.14 17.52 -19.06
CA ARG A 99 -36.35 17.29 -17.63
C ARG A 99 -35.21 16.49 -16.99
N GLY A 100 -34.41 15.78 -17.78
CA GLY A 100 -33.30 15.00 -17.25
C GLY A 100 -33.65 13.64 -16.67
N ASP A 101 -34.85 13.12 -16.97
CA ASP A 101 -35.31 11.88 -16.33
C ASP A 101 -35.78 10.83 -17.33
N CYS A 102 -35.21 10.81 -18.54
CA CYS A 102 -35.45 9.68 -19.43
C CYS A 102 -34.89 8.38 -18.87
N CYS A 103 -35.52 7.27 -19.24
CA CYS A 103 -34.83 5.98 -19.07
C CYS A 103 -33.52 6.02 -19.85
N THR A 104 -32.51 5.26 -19.38
CA THR A 104 -31.21 5.45 -20.00
C THR A 104 -31.17 4.97 -21.45
N ASN A 105 -32.11 4.12 -21.87
CA ASN A 105 -32.12 3.60 -23.24
C ASN A 105 -33.09 4.36 -24.12
N TYR A 106 -33.59 5.50 -23.64
CA TYR A 106 -34.58 6.27 -24.38
C TYR A 106 -34.11 6.59 -25.79
N GLN A 107 -32.93 7.17 -25.94
CA GLN A 107 -32.54 7.60 -27.28
C GLN A 107 -32.31 6.42 -28.21
N VAL A 108 -31.81 5.31 -27.68
CA VAL A 108 -31.63 4.10 -28.51
C VAL A 108 -32.97 3.61 -29.02
N VAL A 109 -33.94 3.39 -28.12
CA VAL A 109 -35.21 2.79 -28.54
C VAL A 109 -36.04 3.81 -29.31
N CYS A 110 -36.06 5.05 -28.85
CA CYS A 110 -37.03 6.01 -29.40
C CYS A 110 -36.45 6.94 -30.44
N LYS A 111 -35.13 7.02 -30.59
CA LYS A 111 -34.56 8.00 -31.50
C LYS A 111 -33.52 7.40 -32.43
N GLY A 112 -33.42 6.09 -32.49
CA GLY A 112 -32.54 5.48 -33.46
C GLY A 112 -31.07 5.56 -33.14
N GLU A 113 -30.73 5.98 -31.92
CA GLU A 113 -29.33 6.07 -31.49
C GLU A 113 -28.76 4.69 -31.18
N SER A 114 -27.45 4.63 -31.10
CA SER A 114 -26.78 3.39 -30.74
C SER A 114 -26.43 3.41 -29.26
N HIS A 115 -26.37 2.23 -28.65
CA HIS A 115 -25.79 2.09 -27.32
C HIS A 115 -24.34 2.53 -27.35
N TRP A 116 -23.90 3.12 -26.24
CA TRP A 116 -22.52 3.56 -26.13
C TRP A 116 -21.55 2.42 -26.42
N VAL A 117 -21.84 1.21 -25.92
CA VAL A 117 -20.92 0.08 -26.08
C VAL A 117 -20.74 -0.28 -27.55
N ASP A 118 -21.70 0.05 -28.39
CA ASP A 118 -21.62 -0.30 -29.81
C ASP A 118 -20.88 0.72 -30.66
N ASP A 119 -20.46 1.83 -30.08
CA ASP A 119 -19.75 2.85 -30.84
C ASP A 119 -18.26 2.50 -30.82
N ASP A 120 -17.58 2.79 -31.93
CA ASP A 120 -16.12 2.65 -31.99
C ASP A 120 -15.46 3.51 -30.92
N CYS A 121 -14.33 3.03 -30.38
CA CYS A 121 -13.50 3.88 -29.51
CA CYS A 121 -13.54 3.87 -29.51
C CYS A 121 -13.01 5.07 -30.31
N GLU A 122 -13.17 6.27 -29.76
CA GLU A 122 -12.64 7.46 -30.40
C GLU A 122 -11.88 8.23 -29.35
N GLU A 123 -10.65 8.61 -29.67
CA GLU A 123 -9.84 9.35 -28.70
C GLU A 123 -10.56 10.64 -28.26
N ILE A 124 -10.48 10.89 -26.95
CA ILE A 124 -11.04 12.11 -26.36
C ILE A 124 -9.86 13.02 -26.07
N LYS A 125 -9.53 13.88 -27.03
CA LYS A 125 -8.33 14.67 -26.84
C LYS A 125 -8.58 15.87 -25.95
N VAL A 126 -9.80 16.41 -26.00
CA VAL A 126 -10.15 17.52 -25.13
C VAL A 126 -11.52 17.26 -24.58
N PRO A 127 -11.83 17.83 -23.41
CA PRO A 127 -13.18 17.67 -22.88
C PRO A 127 -14.20 18.28 -23.80
N GLU A 128 -15.26 17.53 -24.04
CA GLU A 128 -16.33 17.97 -24.92
C GLU A 128 -17.57 18.09 -24.04
N CYS A 129 -17.79 19.29 -23.48
CA CYS A 129 -18.78 19.46 -22.42
C CYS A 129 -19.81 20.51 -22.82
N PRO A 130 -21.04 20.39 -22.31
CA PRO A 130 -22.03 21.44 -22.54
C PRO A 130 -21.56 22.76 -21.96
N ALA A 131 -22.02 23.85 -22.56
CA ALA A 131 -21.79 25.16 -21.97
C ALA A 131 -22.26 25.19 -20.52
N GLY A 132 -21.48 25.84 -19.67
CA GLY A 132 -21.78 25.90 -18.26
C GLY A 132 -20.95 24.95 -17.41
N PHE A 133 -20.40 23.89 -17.99
CA PHE A 133 -19.54 22.98 -17.22
C PHE A 133 -18.16 23.60 -17.03
N VAL A 134 -17.77 23.86 -15.78
CA VAL A 134 -16.51 24.54 -15.53
C VAL A 134 -15.32 23.57 -15.51
N ARG A 135 -15.56 22.26 -15.42
CA ARG A 135 -14.51 21.28 -15.31
C ARG A 135 -15.16 19.96 -15.68
N PRO A 136 -14.44 18.97 -16.18
CA PRO A 136 -15.05 17.66 -16.40
C PRO A 136 -15.46 17.07 -15.05
N PRO A 137 -16.68 16.57 -14.92
CA PRO A 137 -17.06 15.88 -13.68
C PRO A 137 -16.28 14.60 -13.57
N LEU A 138 -16.20 14.09 -12.34
CA LEU A 138 -15.56 12.83 -12.05
C LEU A 138 -16.63 11.89 -11.50
N ILE A 139 -16.78 10.71 -12.09
CA ILE A 139 -17.68 9.68 -11.58
C ILE A 139 -16.85 8.46 -11.17
N ILE A 140 -16.96 8.09 -9.90
CA ILE A 140 -16.21 6.95 -9.34
C ILE A 140 -17.19 5.82 -9.25
N PHE A 141 -16.91 4.75 -9.96
CA PHE A 141 -17.85 3.60 -10.03
C PHE A 141 -17.12 2.46 -9.30
N SER A 142 -17.49 2.24 -8.03
CA SER A 142 -16.76 1.25 -7.22
CA SER A 142 -16.79 1.26 -7.15
C SER A 142 -17.53 -0.06 -7.11
N VAL A 143 -16.78 -1.16 -7.24
CA VAL A 143 -17.34 -2.49 -7.33
C VAL A 143 -16.72 -3.34 -6.24
N ASP A 144 -17.55 -3.83 -5.33
CA ASP A 144 -17.08 -4.58 -4.16
C ASP A 144 -16.70 -5.99 -4.59
N GLY A 145 -15.49 -6.42 -4.28
CA GLY A 145 -15.12 -7.83 -4.46
C GLY A 145 -14.77 -8.15 -5.89
N PHE A 146 -14.46 -7.15 -6.69
CA PHE A 146 -14.14 -7.33 -8.10
C PHE A 146 -12.66 -7.70 -8.24
N ARG A 147 -12.42 -9.01 -8.26
CA ARG A 147 -11.08 -9.56 -8.37
C ARG A 147 -10.47 -9.17 -9.74
N ALA A 148 -9.17 -8.88 -9.72
CA ALA A 148 -8.48 -8.43 -10.90
C ALA A 148 -8.66 -9.37 -12.08
N SER A 149 -8.59 -10.71 -11.86
CA SER A 149 -8.66 -11.59 -13.02
C SER A 149 -10.06 -11.73 -13.62
N TYR A 150 -11.08 -11.08 -13.05
CA TYR A 150 -12.38 -11.04 -13.75
C TYR A 150 -12.29 -10.27 -15.06
N MET A 151 -11.36 -9.32 -15.19
CA MET A 151 -11.28 -8.55 -16.42
C MET A 151 -10.95 -9.45 -17.60
N LYS A 152 -10.14 -10.49 -17.38
CA LYS A 152 -9.91 -11.46 -18.44
C LYS A 152 -10.96 -12.55 -18.41
N LYS A 153 -11.20 -13.15 -17.23
CA LYS A 153 -11.96 -14.38 -17.19
C LYS A 153 -13.44 -14.12 -17.48
N GLY A 154 -13.91 -12.92 -17.21
CA GLY A 154 -15.30 -12.58 -17.44
C GLY A 154 -15.48 -11.70 -18.67
N SER A 155 -14.45 -11.55 -19.50
CA SER A 155 -14.48 -10.56 -20.60
C SER A 155 -15.69 -10.78 -21.49
N LYS A 156 -16.07 -12.03 -21.76
CA LYS A 156 -17.10 -12.27 -22.75
C LYS A 156 -18.46 -11.86 -22.27
N VAL A 157 -18.65 -11.60 -20.99
CA VAL A 157 -19.96 -11.18 -20.52
C VAL A 157 -19.96 -9.74 -19.99
N MET A 158 -18.89 -8.98 -20.22
CA MET A 158 -18.80 -7.60 -19.72
C MET A 158 -18.40 -6.61 -20.81
N PRO A 159 -19.21 -6.45 -21.85
CA PRO A 159 -18.74 -5.65 -23.01
C PRO A 159 -18.54 -4.18 -22.67
N ASN A 160 -19.41 -3.57 -21.84
CA ASN A 160 -19.22 -2.16 -21.50
C ASN A 160 -17.94 -1.95 -20.72
N ILE A 161 -17.68 -2.82 -19.74
CA ILE A 161 -16.48 -2.66 -18.95
C ILE A 161 -15.24 -2.94 -19.79
N GLU A 162 -15.33 -3.93 -20.68
CA GLU A 162 -14.20 -4.21 -21.55
C GLU A 162 -13.91 -3.04 -22.50
N LYS A 163 -14.96 -2.31 -22.90
CA LYS A 163 -14.70 -1.13 -23.72
C LYS A 163 -14.04 -0.02 -22.91
N LEU A 164 -14.53 0.27 -21.71
CA LEU A 164 -13.83 1.28 -20.87
C LEU A 164 -12.37 0.89 -20.69
N ARG A 165 -12.14 -0.40 -20.45
CA ARG A 165 -10.78 -0.89 -20.19
C ARG A 165 -9.88 -0.74 -21.42
N SER A 166 -10.34 -1.19 -22.58
CA SER A 166 -9.48 -1.18 -23.74
C SER A 166 -9.32 0.23 -24.31
N CYS A 167 -10.35 1.10 -24.22
CA CYS A 167 -10.20 2.42 -24.81
CA CYS A 167 -10.30 2.44 -24.79
C CYS A 167 -9.60 3.44 -23.87
N GLY A 168 -9.74 3.23 -22.55
CA GLY A 168 -9.18 4.13 -21.54
C GLY A 168 -7.79 3.74 -21.13
N THR A 169 -7.52 4.01 -19.87
CA THR A 169 -6.24 3.74 -19.19
C THR A 169 -6.53 2.64 -18.19
N HIS A 170 -5.75 1.56 -18.19
CA HIS A 170 -6.01 0.48 -17.23
C HIS A 170 -4.71 -0.06 -16.69
N ALA A 171 -4.83 -0.57 -15.43
CA ALA A 171 -3.71 -1.37 -14.92
C ALA A 171 -4.07 -2.84 -14.99
N PRO A 172 -3.11 -3.77 -15.10
CA PRO A 172 -3.44 -5.21 -15.04
C PRO A 172 -4.12 -5.59 -13.73
N TYR A 173 -3.76 -4.91 -12.64
CA TYR A 173 -4.43 -5.02 -11.35
C TYR A 173 -4.00 -3.85 -10.50
N MET A 174 -4.78 -3.62 -9.45
CA MET A 174 -4.52 -2.59 -8.45
C MET A 174 -4.41 -3.26 -7.09
N ARG A 175 -3.36 -2.91 -6.32
CA ARG A 175 -3.12 -3.51 -5.03
C ARG A 175 -3.96 -2.81 -3.96
N PRO A 176 -4.80 -3.53 -3.23
CA PRO A 176 -5.55 -2.95 -2.11
C PRO A 176 -4.66 -2.75 -0.88
N VAL A 177 -5.21 -2.15 0.17
CA VAL A 177 -4.54 -2.05 1.46
C VAL A 177 -4.94 -3.24 2.32
N TYR A 178 -4.12 -3.53 3.31
CA TYR A 178 -4.39 -4.55 4.32
C TYR A 178 -5.14 -3.92 5.49
N PRO A 179 -6.13 -4.57 6.06
CA PRO A 179 -6.71 -5.85 5.62
C PRO A 179 -7.54 -5.62 4.35
N THR A 180 -7.62 -6.66 3.54
CA THR A 180 -8.28 -6.52 2.26
C THR A 180 -9.78 -6.75 2.46
N LYS A 181 -10.36 -5.84 3.24
CA LYS A 181 -11.77 -5.76 3.59
C LYS A 181 -12.35 -4.48 2.97
N THR A 182 -13.68 -4.42 2.94
CA THR A 182 -14.41 -3.40 2.22
C THR A 182 -14.21 -2.00 2.81
N PHE A 183 -14.55 -1.81 4.08
CA PHE A 183 -14.55 -0.42 4.55
C PHE A 183 -13.11 0.12 4.66
N PRO A 184 -12.12 -0.69 5.07
CA PRO A 184 -10.77 -0.12 5.07
C PRO A 184 -10.35 0.35 3.67
N ASN A 185 -10.67 -0.44 2.65
CA ASN A 185 -10.21 -0.12 1.32
C ASN A 185 -10.99 1.02 0.70
N LEU A 186 -12.31 1.05 0.84
CA LEU A 186 -13.04 2.17 0.23
C LEU A 186 -12.68 3.46 0.92
N TYR A 187 -12.48 3.45 2.22
CA TYR A 187 -12.09 4.71 2.86
C TYR A 187 -10.63 5.07 2.56
N THR A 188 -9.74 4.08 2.33
CA THR A 188 -8.43 4.41 1.79
C THR A 188 -8.56 5.07 0.41
N LEU A 189 -9.43 4.53 -0.47
CA LEU A 189 -9.60 5.14 -1.80
C LEU A 189 -9.99 6.63 -1.66
N ALA A 190 -10.88 6.91 -0.70
CA ALA A 190 -11.38 8.26 -0.52
C ALA A 190 -10.39 9.19 0.18
N THR A 191 -9.39 8.71 0.89
CA THR A 191 -8.51 9.58 1.68
C THR A 191 -7.05 9.54 1.27
N GLY A 192 -6.63 8.52 0.55
CA GLY A 192 -5.21 8.37 0.27
C GLY A 192 -4.41 7.90 1.49
N LEU A 193 -5.07 7.42 2.55
CA LEU A 193 -4.43 7.12 3.84
C LEU A 193 -4.44 5.62 4.07
N TYR A 194 -3.36 5.11 4.68
CA TYR A 194 -3.41 3.78 5.28
C TYR A 194 -4.50 3.69 6.35
N PRO A 195 -5.13 2.51 6.50
CA PRO A 195 -6.13 2.32 7.57
C PRO A 195 -5.60 2.72 8.94
N GLU A 196 -4.32 2.46 9.28
CA GLU A 196 -3.87 2.85 10.61
C GLU A 196 -3.93 4.36 10.84
N SER A 197 -3.93 5.14 9.75
CA SER A 197 -4.05 6.60 9.82
C SER A 197 -5.51 7.05 9.69
N HIS A 198 -6.30 6.44 8.81
CA HIS A 198 -7.69 6.97 8.73
C HIS A 198 -8.60 6.37 9.76
N GLY A 199 -8.22 5.29 10.41
CA GLY A 199 -8.95 4.76 11.55
C GLY A 199 -9.87 3.60 11.25
N ILE A 200 -10.15 3.31 9.98
CA ILE A 200 -11.06 2.20 9.67
C ILE A 200 -10.15 0.99 9.44
N VAL A 201 -9.75 0.35 10.56
CA VAL A 201 -8.70 -0.67 10.47
C VAL A 201 -9.28 -2.06 10.24
N GLY A 202 -10.61 -2.20 10.15
CA GLY A 202 -11.20 -3.49 9.82
C GLY A 202 -12.65 -3.22 9.49
N ASN A 203 -13.32 -4.27 9.04
CA ASN A 203 -14.79 -4.20 8.91
C ASN A 203 -15.41 -4.30 10.31
N SER A 204 -14.73 -4.92 11.26
N SER A 204 -14.72 -4.87 11.27
CA SER A 204 -15.08 -4.93 12.68
CA SER A 204 -15.18 -4.77 12.66
C SER A 204 -13.93 -4.33 13.45
C SER A 204 -13.99 -4.44 13.55
N MET A 205 -14.21 -3.54 14.48
CA MET A 205 -13.14 -2.98 15.27
C MET A 205 -13.68 -2.63 16.64
N TYR A 206 -12.82 -2.70 17.63
CA TYR A 206 -13.14 -2.26 18.99
C TYR A 206 -12.18 -1.12 19.29
N ASP A 207 -12.72 0.00 19.75
CA ASP A 207 -11.89 1.10 20.18
C ASP A 207 -11.92 1.14 21.71
N PRO A 208 -10.76 1.00 22.37
CA PRO A 208 -10.73 0.86 23.83
C PRO A 208 -10.95 2.16 24.57
N VAL A 209 -10.76 3.30 23.90
CA VAL A 209 -11.11 4.60 24.46
C VAL A 209 -12.62 4.87 24.39
N PHE A 210 -13.24 4.64 23.22
CA PHE A 210 -14.70 4.71 23.12
C PHE A 210 -15.39 3.62 23.94
N ASP A 211 -14.71 2.50 24.20
CA ASP A 211 -15.33 1.29 24.69
C ASP A 211 -16.58 0.94 23.86
N ALA A 212 -16.36 0.86 22.54
CA ALA A 212 -17.45 0.68 21.58
C ALA A 212 -16.87 -0.11 20.41
N SER A 213 -17.77 -0.81 19.69
CA SER A 213 -17.38 -1.58 18.51
C SER A 213 -18.12 -1.09 17.29
N PHE A 214 -17.37 -1.09 16.18
CA PHE A 214 -17.80 -0.70 14.85
C PHE A 214 -18.08 -1.98 14.07
N HIS A 215 -19.20 -2.05 13.36
CA HIS A 215 -19.47 -3.23 12.53
C HIS A 215 -20.04 -2.82 11.19
N LEU A 216 -19.84 -3.67 10.18
CA LEU A 216 -20.43 -3.41 8.85
C LEU A 216 -21.90 -3.11 8.98
N ARG A 217 -22.62 -3.94 9.71
CA ARG A 217 -24.05 -3.79 9.89
C ARG A 217 -24.31 -3.10 11.21
N GLY A 218 -25.17 -2.09 11.20
CA GLY A 218 -25.55 -1.38 12.41
C GLY A 218 -25.26 0.11 12.31
N ARG A 219 -25.62 0.80 13.38
CA ARG A 219 -25.62 2.25 13.38
C ARG A 219 -24.38 2.90 13.98
N GLU A 220 -23.55 2.13 14.69
CA GLU A 220 -22.40 2.77 15.31
C GLU A 220 -21.47 3.35 14.26
N LYS A 221 -21.34 2.71 13.08
CA LYS A 221 -20.46 3.19 12.00
C LYS A 221 -20.90 4.52 11.42
N PHE A 222 -22.15 4.95 11.66
CA PHE A 222 -22.58 6.28 11.25
C PHE A 222 -21.93 7.39 12.08
N ASN A 223 -21.43 7.10 13.30
CA ASN A 223 -20.78 8.14 14.12
C ASN A 223 -19.47 8.60 13.48
N HIS A 224 -19.32 9.91 13.27
CA HIS A 224 -18.10 10.41 12.62
C HIS A 224 -16.84 10.22 13.45
N ARG A 225 -16.94 9.92 14.77
CA ARG A 225 -15.73 9.74 15.59
C ARG A 225 -14.82 8.63 15.07
N TRP A 226 -15.35 7.66 14.31
CA TRP A 226 -14.49 6.59 13.80
C TRP A 226 -13.62 7.01 12.62
N TRP A 227 -14.02 8.04 11.84
CA TRP A 227 -13.54 8.27 10.49
C TRP A 227 -12.59 9.46 10.51
N GLY A 228 -11.30 9.18 10.35
CA GLY A 228 -10.30 10.22 10.35
C GLY A 228 -9.86 10.62 8.94
N GLY A 229 -8.81 11.46 8.90
CA GLY A 229 -8.39 11.90 7.59
C GLY A 229 -9.38 12.87 6.97
N GLN A 230 -9.15 13.19 5.70
CA GLN A 230 -10.04 14.11 4.96
C GLN A 230 -10.43 13.42 3.66
N PRO A 231 -11.64 12.87 3.57
CA PRO A 231 -12.04 12.18 2.35
C PRO A 231 -12.32 13.18 1.22
N LEU A 232 -12.29 12.65 -0.01
CA LEU A 232 -12.36 13.50 -1.19
C LEU A 232 -13.57 14.43 -1.18
N TRP A 233 -14.74 13.97 -0.72
CA TRP A 233 -15.88 14.87 -0.77
C TRP A 233 -15.67 16.08 0.12
N ILE A 234 -14.93 15.94 1.23
CA ILE A 234 -14.66 17.10 2.10
C ILE A 234 -13.59 17.97 1.50
N THR A 235 -12.54 17.33 0.94
CA THR A 235 -11.52 18.11 0.23
C THR A 235 -12.14 18.97 -0.85
N ALA A 236 -13.02 18.37 -1.64
CA ALA A 236 -13.67 19.12 -2.71
C ALA A 236 -14.51 20.26 -2.13
N THR A 237 -15.35 19.97 -1.11
CA THR A 237 -16.27 21.00 -0.59
C THR A 237 -15.50 22.18 -0.01
N LYS A 238 -14.43 21.93 0.73
CA LYS A 238 -13.60 23.02 1.29
C LYS A 238 -12.97 23.87 0.23
N GLN A 239 -12.79 23.36 -0.98
CA GLN A 239 -12.15 24.10 -2.04
C GLN A 239 -13.15 24.58 -3.07
N GLY A 240 -14.43 24.52 -2.73
CA GLY A 240 -15.46 25.12 -3.57
C GLY A 240 -15.94 24.26 -4.71
N VAL A 241 -15.70 22.95 -4.65
CA VAL A 241 -16.13 21.99 -5.66
C VAL A 241 -17.21 21.12 -5.01
N ARG A 242 -18.41 21.12 -5.58
N ARG A 242 -18.43 21.14 -5.55
CA ARG A 242 -19.53 20.41 -4.99
CA ARG A 242 -19.53 20.43 -4.92
C ARG A 242 -19.41 18.90 -5.14
C ARG A 242 -19.44 18.93 -5.13
N ALA A 243 -19.70 18.16 -4.07
CA ALA A 243 -19.54 16.70 -4.12
C ALA A 243 -20.81 15.94 -3.72
N GLY A 244 -21.26 14.99 -4.59
CA GLY A 244 -22.32 14.06 -4.21
C GLY A 244 -21.92 13.12 -3.07
N THR A 245 -22.90 12.35 -2.58
CA THR A 245 -22.60 11.47 -1.45
C THR A 245 -21.80 10.28 -1.94
N PHE A 246 -20.92 9.73 -1.09
CA PHE A 246 -20.27 8.51 -1.59
C PHE A 246 -20.88 7.23 -1.03
N PHE A 247 -21.70 7.33 0.01
CA PHE A 247 -22.44 6.17 0.56
C PHE A 247 -23.82 6.09 -0.07
N TRP A 248 -24.40 4.88 -0.06
CA TRP A 248 -25.73 4.66 -0.60
C TRP A 248 -26.53 3.72 0.31
N SER A 249 -27.80 4.06 0.58
CA SER A 249 -28.67 3.11 1.27
C SER A 249 -28.85 1.83 0.46
N VAL A 250 -28.74 0.69 1.13
CA VAL A 250 -28.64 -0.56 0.40
C VAL A 250 -29.93 -0.89 -0.35
N SER A 251 -31.10 -0.44 0.15
CA SER A 251 -32.35 -0.76 -0.50
C SER A 251 -32.64 0.08 -1.75
N ILE A 252 -31.82 1.09 -2.06
CA ILE A 252 -32.02 1.88 -3.27
C ILE A 252 -31.47 1.06 -4.42
N PRO A 253 -32.27 0.62 -5.40
CA PRO A 253 -31.75 -0.26 -6.44
C PRO A 253 -30.73 0.46 -7.32
N HIS A 254 -29.84 -0.33 -7.95
CA HIS A 254 -28.79 0.26 -8.76
C HIS A 254 -29.33 1.12 -9.90
N GLU A 255 -30.43 0.71 -10.54
CA GLU A 255 -31.00 1.51 -11.61
C GLU A 255 -31.39 2.89 -11.11
N ARG A 256 -31.93 2.95 -9.88
CA ARG A 256 -32.29 4.25 -9.30
C ARG A 256 -31.04 5.06 -8.89
N ARG A 257 -29.95 4.40 -8.44
CA ARG A 257 -28.73 5.16 -8.19
C ARG A 257 -28.21 5.81 -9.47
N ILE A 258 -28.21 5.06 -10.58
CA ILE A 258 -27.77 5.61 -11.85
C ILE A 258 -28.68 6.76 -12.30
N LEU A 259 -30.01 6.59 -12.20
CA LEU A 259 -30.89 7.68 -12.63
C LEU A 259 -30.71 8.90 -11.75
N THR A 260 -30.38 8.70 -10.47
CA THR A 260 -30.18 9.82 -9.55
C THR A 260 -28.93 10.60 -9.91
N ILE A 261 -27.82 9.91 -10.17
CA ILE A 261 -26.60 10.56 -10.64
C ILE A 261 -26.87 11.36 -11.92
N LEU A 262 -27.61 10.77 -12.87
CA LEU A 262 -27.89 11.45 -14.13
C LEU A 262 -28.80 12.67 -13.93
N GLN A 263 -29.73 12.59 -12.98
CA GLN A 263 -30.57 13.75 -12.63
C GLN A 263 -29.73 14.86 -11.99
N TRP A 264 -28.78 14.48 -11.11
CA TRP A 264 -27.93 15.50 -10.51
C TRP A 264 -27.09 16.19 -11.56
N LEU A 265 -26.65 15.43 -12.58
CA LEU A 265 -25.85 16.02 -13.65
C LEU A 265 -26.66 17.03 -14.47
N SER A 266 -27.99 17.01 -14.35
CA SER A 266 -28.86 17.96 -15.04
C SER A 266 -29.22 19.18 -14.22
N LEU A 267 -28.71 19.29 -12.99
CA LEU A 267 -29.00 20.46 -12.16
C LEU A 267 -28.37 21.71 -12.76
N PRO A 268 -28.87 22.88 -12.36
CA PRO A 268 -28.23 24.13 -12.78
C PRO A 268 -26.76 24.21 -12.35
N ASP A 269 -25.99 24.98 -13.14
CA ASP A 269 -24.54 25.00 -12.96
C ASP A 269 -24.17 25.24 -11.51
N ASN A 270 -24.85 26.20 -10.86
CA ASN A 270 -24.47 26.58 -9.52
C ASN A 270 -24.88 25.56 -8.46
N GLU A 271 -25.68 24.57 -8.82
CA GLU A 271 -26.16 23.54 -7.89
C GLU A 271 -25.57 22.17 -8.16
N ARG A 272 -24.92 21.99 -9.27
CA ARG A 272 -24.58 20.64 -9.78
C ARG A 272 -23.28 20.16 -9.18
N PRO A 273 -23.22 18.94 -8.62
CA PRO A 273 -21.92 18.45 -8.13
C PRO A 273 -20.96 18.27 -9.28
N SER A 274 -19.67 18.29 -8.94
CA SER A 274 -18.61 17.93 -9.87
C SER A 274 -18.08 16.52 -9.64
N VAL A 275 -18.37 15.88 -8.51
CA VAL A 275 -17.82 14.54 -8.29
C VAL A 275 -18.96 13.67 -7.76
N TYR A 276 -19.04 12.45 -8.27
CA TYR A 276 -20.13 11.50 -8.05
C TYR A 276 -19.52 10.15 -7.74
N ALA A 277 -20.31 9.36 -7.03
CA ALA A 277 -19.82 8.03 -6.66
C ALA A 277 -20.99 7.08 -6.77
N PHE A 278 -20.74 5.96 -7.41
CA PHE A 278 -21.71 4.88 -7.49
C PHE A 278 -21.02 3.70 -6.82
N TYR A 279 -21.74 2.99 -5.96
CA TYR A 279 -21.19 1.79 -5.26
C TYR A 279 -22.05 0.58 -5.59
N SER A 280 -21.38 -0.53 -5.92
CA SER A 280 -22.11 -1.78 -6.12
C SER A 280 -21.65 -2.82 -5.09
N GLU A 281 -22.61 -3.45 -4.40
CA GLU A 281 -22.27 -4.51 -3.42
C GLU A 281 -21.88 -5.81 -4.10
N GLN A 282 -22.13 -5.93 -5.40
CA GLN A 282 -21.74 -7.07 -6.24
C GLN A 282 -20.45 -6.75 -6.97
N PRO A 283 -19.60 -7.73 -7.30
CA PRO A 283 -19.90 -9.15 -7.15
C PRO A 283 -19.60 -9.74 -5.78
N ASP A 284 -19.11 -8.94 -4.82
CA ASP A 284 -18.75 -9.48 -3.49
C ASP A 284 -19.88 -10.31 -2.87
N PHE A 285 -21.12 -9.81 -2.90
CA PHE A 285 -22.21 -10.51 -2.24
C PHE A 285 -22.34 -11.95 -2.72
N SER A 286 -22.35 -12.13 -4.04
CA SER A 286 -22.43 -13.48 -4.58
C SER A 286 -21.09 -14.23 -4.40
N GLY A 287 -19.96 -13.53 -4.49
CA GLY A 287 -18.67 -14.23 -4.36
C GLY A 287 -18.53 -14.90 -3.00
N HIS A 288 -19.10 -14.28 -1.96
CA HIS A 288 -19.04 -14.94 -0.64
C HIS A 288 -19.83 -16.25 -0.66
N LYS A 289 -20.99 -16.26 -1.34
CA LYS A 289 -21.84 -17.45 -1.35
C LYS A 289 -21.29 -18.54 -2.24
N TYR A 290 -20.66 -18.15 -3.37
CA TYR A 290 -20.40 -19.08 -4.46
C TYR A 290 -18.93 -19.26 -4.79
N GLY A 291 -18.06 -18.52 -4.15
CA GLY A 291 -16.63 -18.55 -4.43
C GLY A 291 -16.34 -17.64 -5.61
N PRO A 292 -15.07 -17.28 -5.83
CA PRO A 292 -14.75 -16.28 -6.86
C PRO A 292 -15.17 -16.68 -8.26
N PHE A 293 -15.07 -17.94 -8.60
CA PHE A 293 -15.42 -18.40 -9.96
C PHE A 293 -16.54 -19.44 -9.96
N GLY A 294 -17.39 -19.46 -8.92
CA GLY A 294 -18.57 -20.31 -8.99
C GLY A 294 -19.41 -20.03 -10.23
N PRO A 295 -20.08 -21.04 -10.77
CA PRO A 295 -20.89 -20.77 -11.97
C PRO A 295 -21.92 -19.68 -11.76
N GLU A 296 -22.36 -19.50 -10.53
CA GLU A 296 -23.34 -18.47 -10.16
C GLU A 296 -22.77 -17.08 -10.36
N MET A 297 -21.46 -16.96 -10.63
CA MET A 297 -20.87 -15.63 -10.66
C MET A 297 -21.03 -14.94 -12.01
N THR A 298 -21.35 -15.67 -13.07
CA THR A 298 -21.48 -15.03 -14.38
C THR A 298 -22.59 -13.99 -14.36
N ASN A 299 -23.73 -14.34 -13.78
CA ASN A 299 -24.84 -13.37 -13.82
C ASN A 299 -24.55 -12.08 -13.08
N PRO A 300 -23.97 -12.06 -11.87
CA PRO A 300 -23.60 -10.77 -11.25
C PRO A 300 -22.65 -9.94 -12.10
N LEU A 301 -21.69 -10.56 -12.79
CA LEU A 301 -20.83 -9.80 -13.68
C LEU A 301 -21.63 -9.20 -14.84
N ARG A 302 -22.53 -9.98 -15.43
CA ARG A 302 -23.44 -9.47 -16.46
C ARG A 302 -24.22 -8.28 -15.94
N GLU A 303 -24.72 -8.39 -14.70
CA GLU A 303 -25.58 -7.31 -14.19
C GLU A 303 -24.80 -6.04 -13.91
N ILE A 304 -23.58 -6.14 -13.39
CA ILE A 304 -22.77 -4.94 -13.21
C ILE A 304 -22.47 -4.31 -14.56
N ASP A 305 -22.15 -5.13 -15.58
CA ASP A 305 -21.86 -4.59 -16.90
C ASP A 305 -23.07 -3.84 -17.44
N LYS A 306 -24.26 -4.37 -17.22
CA LYS A 306 -25.47 -3.69 -17.69
C LYS A 306 -25.60 -2.33 -17.02
N THR A 307 -25.29 -2.26 -15.71
CA THR A 307 -25.35 -0.99 -14.98
C THR A 307 -24.36 0.02 -15.55
N VAL A 308 -23.13 -0.42 -15.85
CA VAL A 308 -22.17 0.47 -16.53
C VAL A 308 -22.74 0.96 -17.86
N GLY A 309 -23.37 0.08 -18.64
CA GLY A 309 -23.98 0.49 -19.89
C GLY A 309 -25.13 1.50 -19.71
N GLN A 310 -25.93 1.34 -18.64
CA GLN A 310 -26.96 2.34 -18.36
C GLN A 310 -26.32 3.69 -18.09
N LEU A 311 -25.23 3.69 -17.31
CA LEU A 311 -24.54 4.95 -17.01
C LEU A 311 -24.02 5.58 -18.29
N MET A 312 -23.31 4.80 -19.12
CA MET A 312 -22.69 5.38 -20.31
C MET A 312 -23.74 5.81 -21.31
N ASP A 313 -24.84 5.03 -21.45
CA ASP A 313 -25.92 5.43 -22.34
C ASP A 313 -26.53 6.71 -21.84
N GLY A 314 -26.70 6.80 -20.52
CA GLY A 314 -27.29 7.99 -19.94
C GLY A 314 -26.41 9.20 -20.11
N LEU A 315 -25.08 9.01 -19.94
CA LEU A 315 -24.17 10.13 -20.21
C LEU A 315 -24.25 10.55 -21.69
N LYS A 316 -24.25 9.57 -22.60
CA LYS A 316 -24.30 9.88 -24.02
C LYS A 316 -25.56 10.69 -24.35
N GLN A 317 -26.72 10.35 -23.77
CA GLN A 317 -27.94 11.17 -24.00
C GLN A 317 -27.78 12.60 -23.51
N LEU A 318 -27.05 12.81 -22.41
CA LEU A 318 -26.84 14.15 -21.88
C LEU A 318 -25.69 14.86 -22.56
N ARG A 319 -25.09 14.24 -23.59
CA ARG A 319 -23.90 14.74 -24.28
C ARG A 319 -22.74 14.95 -23.31
N LEU A 320 -22.57 13.99 -22.38
CA LEU A 320 -21.51 14.05 -21.37
C LEU A 320 -20.52 12.91 -21.52
N HIS A 321 -20.71 12.06 -22.51
CA HIS A 321 -19.89 10.85 -22.57
C HIS A 321 -18.48 11.12 -23.06
N ARG A 322 -18.18 12.32 -23.59
CA ARG A 322 -16.80 12.71 -23.89
C ARG A 322 -16.41 13.92 -23.05
N CYS A 323 -17.11 14.11 -21.92
CA CYS A 323 -16.88 15.18 -20.97
C CYS A 323 -16.45 14.64 -19.60
N VAL A 324 -17.14 13.62 -19.10
CA VAL A 324 -16.85 13.15 -17.73
C VAL A 324 -15.66 12.18 -17.72
N ASN A 325 -14.88 12.26 -16.64
CA ASN A 325 -13.92 11.20 -16.36
C ASN A 325 -14.57 10.16 -15.48
N VAL A 326 -14.44 8.90 -15.86
CA VAL A 326 -15.03 7.77 -15.16
C VAL A 326 -13.88 6.93 -14.60
N ILE A 327 -13.97 6.59 -13.33
CA ILE A 327 -13.04 5.62 -12.74
C ILE A 327 -13.85 4.39 -12.37
N PHE A 328 -13.39 3.22 -12.82
CA PHE A 328 -14.02 1.96 -12.50
C PHE A 328 -12.98 1.24 -11.63
N VAL A 329 -13.33 1.04 -10.37
CA VAL A 329 -12.32 0.63 -9.39
C VAL A 329 -12.93 -0.36 -8.40
N GLY A 330 -12.16 -1.34 -7.95
CA GLY A 330 -12.64 -2.21 -6.91
C GLY A 330 -11.92 -1.96 -5.59
N ASP A 331 -12.44 -2.62 -4.56
CA ASP A 331 -11.87 -2.49 -3.24
C ASP A 331 -10.94 -3.63 -2.87
N HIS A 332 -11.18 -4.83 -3.41
CA HIS A 332 -10.40 -6.04 -3.08
C HIS A 332 -10.95 -7.15 -3.97
N GLY A 333 -10.23 -8.28 -4.00
CA GLY A 333 -10.64 -9.47 -4.72
C GLY A 333 -11.41 -10.45 -3.84
N MET A 334 -11.26 -11.74 -4.13
CA MET A 334 -12.10 -12.76 -3.48
C MET A 334 -11.37 -14.08 -3.65
N GLU A 335 -11.30 -14.85 -2.56
CA GLU A 335 -10.59 -16.13 -2.56
C GLU A 335 -11.56 -17.26 -2.21
N ASP A 336 -11.17 -18.50 -2.55
CA ASP A 336 -11.92 -19.66 -2.13
C ASP A 336 -11.68 -19.97 -0.68
N VAL A 337 -12.72 -19.91 0.15
CA VAL A 337 -12.61 -20.13 1.59
C VAL A 337 -13.86 -20.86 2.06
N THR A 338 -13.67 -22.00 2.75
CA THR A 338 -14.78 -22.81 3.23
C THR A 338 -14.65 -23.07 4.73
N CYS A 339 -15.81 -23.39 5.39
CA CYS A 339 -15.81 -23.62 6.84
C CYS A 339 -14.80 -24.67 7.26
N ASP A 340 -14.60 -25.68 6.43
CA ASP A 340 -13.71 -26.74 6.89
C ASP A 340 -12.25 -26.30 6.93
N ARG A 341 -11.88 -25.25 6.20
CA ARG A 341 -10.52 -24.71 6.29
C ARG A 341 -10.51 -23.59 7.33
N THR A 342 -10.77 -23.99 8.59
CA THR A 342 -10.71 -23.09 9.74
C THR A 342 -9.74 -23.70 10.76
N GLU A 343 -8.80 -22.86 11.24
CA GLU A 343 -7.94 -23.16 12.39
C GLU A 343 -8.68 -22.67 13.64
N PHE A 344 -8.65 -23.47 14.71
CA PHE A 344 -9.34 -23.10 15.95
C PHE A 344 -8.34 -22.80 17.04
N LEU A 345 -8.42 -21.61 17.64
CA LEU A 345 -7.47 -21.31 18.71
C LEU A 345 -7.61 -22.27 19.90
N SER A 346 -8.79 -22.86 20.08
CA SER A 346 -8.96 -23.81 21.16
C SER A 346 -8.11 -25.06 20.97
N ASN A 347 -7.58 -25.30 19.77
CA ASN A 347 -6.65 -26.40 19.58
C ASN A 347 -5.23 -26.05 19.98
N TYR A 348 -4.96 -24.79 20.27
CA TYR A 348 -3.65 -24.31 20.69
C TYR A 348 -3.60 -23.83 22.13
N LEU A 349 -4.65 -23.16 22.58
CA LEU A 349 -4.63 -22.49 23.87
C LEU A 349 -5.46 -23.31 24.85
N THR A 350 -4.91 -23.63 26.01
CA THR A 350 -5.73 -24.28 27.03
C THR A 350 -6.78 -23.33 27.58
N ASN A 351 -6.48 -22.05 27.52
CA ASN A 351 -7.15 -20.96 28.22
C ASN A 351 -7.87 -20.05 27.23
N VAL A 352 -8.63 -20.60 26.29
CA VAL A 352 -9.18 -19.80 25.20
C VAL A 352 -10.28 -18.86 25.65
N ASP A 353 -10.84 -19.04 26.87
CA ASP A 353 -11.90 -18.16 27.34
C ASP A 353 -11.37 -16.85 27.92
N ASP A 354 -10.07 -16.72 28.08
CA ASP A 354 -9.45 -15.48 28.52
C ASP A 354 -9.26 -14.46 27.40
N ILE A 355 -9.51 -14.84 26.13
CA ILE A 355 -9.21 -13.90 25.05
C ILE A 355 -10.46 -13.54 24.28
N THR A 356 -10.35 -12.42 23.58
CA THR A 356 -11.30 -12.01 22.55
C THR A 356 -10.57 -12.05 21.21
N LEU A 357 -11.20 -12.66 20.20
CA LEU A 357 -10.60 -12.77 18.86
C LEU A 357 -11.52 -12.08 17.86
N VAL A 358 -10.96 -11.17 17.08
CA VAL A 358 -11.58 -10.74 15.83
C VAL A 358 -11.22 -11.81 14.79
N PRO A 359 -12.15 -12.62 14.33
CA PRO A 359 -11.81 -13.84 13.57
C PRO A 359 -11.86 -13.66 12.07
N GLY A 360 -11.48 -14.69 11.34
CA GLY A 360 -11.78 -14.72 9.93
C GLY A 360 -10.51 -14.87 9.10
N THR A 361 -10.39 -14.06 8.06
CA THR A 361 -9.21 -14.10 7.19
C THR A 361 -8.04 -13.31 7.78
N LEU A 362 -8.24 -12.75 8.96
CA LEU A 362 -7.14 -12.24 9.78
CA LEU A 362 -7.15 -12.24 9.78
C LEU A 362 -7.54 -12.53 11.22
N GLY A 363 -6.59 -12.44 12.13
CA GLY A 363 -6.92 -12.59 13.53
C GLY A 363 -6.36 -11.42 14.31
N ARG A 364 -7.16 -10.90 15.24
CA ARG A 364 -6.70 -9.87 16.18
C ARG A 364 -7.14 -10.30 17.57
N ILE A 365 -6.21 -10.35 18.52
CA ILE A 365 -6.46 -10.96 19.83
C ILE A 365 -6.19 -9.90 20.90
N ARG A 366 -7.09 -9.82 21.87
CA ARG A 366 -6.90 -9.00 23.05
C ARG A 366 -7.51 -9.72 24.25
N ALA A 367 -7.17 -9.24 25.45
CA ALA A 367 -7.74 -9.81 26.66
C ALA A 367 -9.26 -9.72 26.65
N LYS A 368 -9.92 -10.79 27.09
CA LYS A 368 -11.37 -10.74 27.24
C LYS A 368 -11.75 -9.70 28.30
N SER A 369 -11.07 -9.72 29.44
CA SER A 369 -11.33 -8.78 30.53
C SER A 369 -10.33 -7.63 30.47
N ILE A 370 -10.79 -6.43 30.09
CA ILE A 370 -9.87 -5.28 29.99
C ILE A 370 -9.31 -4.95 31.36
N ASN A 371 -8.11 -4.36 31.37
CA ASN A 371 -7.37 -4.02 32.58
C ASN A 371 -7.03 -5.25 33.43
N ASN A 372 -7.19 -6.46 32.87
CA ASN A 372 -6.77 -7.68 33.56
C ASN A 372 -5.26 -7.84 33.49
N SER A 373 -4.60 -7.85 34.66
CA SER A 373 -3.15 -7.94 34.72
C SER A 373 -2.63 -9.37 34.59
N LYS A 374 -3.49 -10.36 34.77
CA LYS A 374 -3.10 -11.75 34.61
C LYS A 374 -3.36 -12.25 33.18
N TYR A 375 -2.88 -11.50 32.20
CA TYR A 375 -3.03 -11.85 30.79
C TYR A 375 -1.68 -11.60 30.14
N ASP A 376 -1.03 -12.66 29.64
CA ASP A 376 0.32 -12.49 29.14
C ASP A 376 0.40 -12.68 27.62
N PRO A 377 0.54 -11.61 26.84
CA PRO A 377 0.60 -11.80 25.39
C PRO A 377 1.79 -12.64 24.97
N LYS A 378 2.86 -12.62 25.75
CA LYS A 378 4.00 -13.44 25.39
C LYS A 378 3.68 -14.91 25.50
N THR A 379 2.88 -15.29 26.49
CA THR A 379 2.50 -16.70 26.59
C THR A 379 1.56 -17.07 25.47
N ILE A 380 0.70 -16.15 25.06
CA ILE A 380 -0.25 -16.47 23.99
C ILE A 380 0.48 -16.63 22.67
N ILE A 381 1.38 -15.69 22.35
CA ILE A 381 2.16 -15.82 21.13
C ILE A 381 2.92 -17.14 21.10
N ALA A 382 3.57 -17.48 22.21
CA ALA A 382 4.36 -18.71 22.25
C ALA A 382 3.49 -19.91 21.95
N ALA A 383 2.30 -19.95 22.53
CA ALA A 383 1.39 -21.07 22.35
C ALA A 383 0.85 -21.17 20.92
N LEU A 384 0.99 -20.10 20.14
CA LEU A 384 0.51 -20.07 18.78
C LEU A 384 1.62 -20.21 17.75
N THR A 385 2.88 -20.33 18.18
CA THR A 385 4.02 -20.25 17.28
C THR A 385 4.49 -21.65 16.87
N CYS A 386 4.39 -21.95 15.56
CA CYS A 386 5.00 -23.17 15.00
C CYS A 386 4.62 -24.41 15.79
N LYS A 387 3.33 -24.56 16.09
CA LYS A 387 2.88 -25.70 16.90
C LYS A 387 2.43 -26.90 16.09
N LYS A 388 2.00 -26.72 14.85
CA LYS A 388 1.53 -27.79 13.98
C LYS A 388 2.25 -27.63 12.66
N PRO A 389 2.67 -28.70 12.01
CA PRO A 389 3.56 -28.53 10.83
C PRO A 389 2.91 -27.79 9.67
N ASP A 390 1.62 -27.98 9.43
CA ASP A 390 1.02 -27.26 8.31
C ASP A 390 0.22 -26.05 8.80
N GLN A 391 0.56 -25.52 9.98
CA GLN A 391 -0.22 -24.44 10.60
C GLN A 391 -0.59 -23.35 9.60
N HIS A 392 -1.87 -22.97 9.53
CA HIS A 392 -2.29 -22.06 8.46
C HIS A 392 -2.47 -20.61 8.92
N PHE A 393 -1.82 -20.22 10.03
CA PHE A 393 -1.71 -18.81 10.38
C PHE A 393 -0.36 -18.64 11.08
N LYS A 394 0.09 -17.39 11.16
CA LYS A 394 1.33 -17.08 11.93
C LYS A 394 1.04 -15.93 12.88
N PRO A 395 1.36 -16.05 14.16
CA PRO A 395 1.17 -14.93 15.10
C PRO A 395 2.30 -13.92 15.06
N TYR A 396 1.94 -12.65 15.24
CA TYR A 396 2.87 -11.53 15.32
C TYR A 396 2.43 -10.56 16.42
N MET A 397 3.37 -10.02 17.15
CA MET A 397 3.10 -8.73 17.77
C MET A 397 2.99 -7.70 16.65
N LYS A 398 2.07 -6.75 16.77
CA LYS A 398 1.80 -5.94 15.60
C LYS A 398 3.02 -5.15 15.13
N GLN A 399 3.90 -4.76 16.06
CA GLN A 399 5.07 -4.05 15.57
C GLN A 399 6.01 -4.94 14.77
N HIS A 400 5.84 -6.26 14.81
CA HIS A 400 6.68 -7.15 14.02
C HIS A 400 6.07 -7.54 12.70
N LEU A 401 4.83 -7.13 12.40
CA LEU A 401 4.29 -7.44 11.06
C LEU A 401 5.16 -6.78 9.99
N PRO A 402 5.21 -7.33 8.77
CA PRO A 402 5.92 -6.66 7.65
C PRO A 402 5.55 -5.19 7.56
N LYS A 403 6.56 -4.36 7.44
CA LYS A 403 6.32 -2.93 7.45
C LYS A 403 5.54 -2.49 6.24
N ARG A 404 5.59 -3.25 5.14
CA ARG A 404 4.80 -2.91 3.93
C ARG A 404 3.31 -2.91 4.21
N LEU A 405 2.85 -3.60 5.26
CA LEU A 405 1.42 -3.60 5.59
C LEU A 405 0.99 -2.32 6.28
N HIS A 406 1.93 -1.58 6.86
CA HIS A 406 1.63 -0.30 7.57
C HIS A 406 0.45 -0.48 8.53
N TYR A 407 0.49 -1.55 9.31
CA TYR A 407 -0.68 -1.97 10.07
C TYR A 407 -0.40 -2.05 11.57
N ALA A 408 -0.03 -0.94 12.21
CA ALA A 408 0.22 -1.03 13.63
C ALA A 408 -0.12 0.22 14.42
N ASN A 409 0.01 1.41 13.83
CA ASN A 409 -0.05 2.65 14.60
C ASN A 409 -1.49 3.11 14.75
N ASN A 410 -2.24 2.33 15.51
CA ASN A 410 -3.61 2.74 15.83
C ASN A 410 -4.04 1.96 17.08
N ARG A 411 -4.74 2.63 17.99
CA ARG A 411 -5.17 1.99 19.24
C ARG A 411 -6.25 0.92 18.99
N ARG A 412 -6.86 0.94 17.81
CA ARG A 412 -7.83 -0.05 17.38
C ARG A 412 -7.22 -1.33 16.84
N ILE A 413 -5.90 -1.36 16.64
CA ILE A 413 -5.21 -2.57 16.16
C ILE A 413 -4.68 -3.28 17.38
N GLU A 414 -5.21 -4.47 17.69
CA GLU A 414 -4.77 -5.22 18.86
C GLU A 414 -3.29 -5.56 18.76
N ASP A 415 -2.65 -5.73 19.94
CA ASP A 415 -1.21 -6.01 19.96
C ASP A 415 -0.87 -7.33 19.30
N ILE A 416 -1.74 -8.34 19.43
CA ILE A 416 -1.50 -9.64 18.82
C ILE A 416 -2.25 -9.72 17.50
N HIS A 417 -1.54 -10.10 16.43
CA HIS A 417 -2.12 -10.23 15.11
C HIS A 417 -1.82 -11.61 14.55
N LEU A 418 -2.78 -12.19 13.86
CA LEU A 418 -2.59 -13.47 13.20
C LEU A 418 -2.69 -13.23 11.71
N LEU A 419 -1.63 -13.46 10.99
CA LEU A 419 -1.67 -13.40 9.53
CA LEU A 419 -1.65 -13.40 9.54
C LEU A 419 -2.07 -14.77 9.03
N VAL A 420 -3.22 -14.83 8.34
CA VAL A 420 -3.83 -16.12 8.00
C VAL A 420 -3.49 -16.48 6.58
N ASP A 421 -3.20 -17.76 6.31
CA ASP A 421 -2.87 -18.19 4.96
C ASP A 421 -4.07 -17.99 4.04
N ARG A 422 -3.82 -17.60 2.81
CA ARG A 422 -4.91 -17.56 1.84
C ARG A 422 -5.64 -18.92 1.82
N ARG A 423 -6.95 -18.85 1.63
CA ARG A 423 -7.90 -19.96 1.54
CA ARG A 423 -7.91 -19.94 1.54
C ARG A 423 -8.36 -20.42 2.94
N TRP A 424 -7.84 -19.82 4.01
CA TRP A 424 -8.14 -20.26 5.39
C TRP A 424 -8.83 -19.18 6.20
N HIS A 425 -9.44 -19.67 7.32
CA HIS A 425 -9.97 -18.82 8.38
C HIS A 425 -9.33 -19.18 9.70
N VAL A 426 -9.36 -18.25 10.64
CA VAL A 426 -9.08 -18.56 12.02
C VAL A 426 -10.32 -18.22 12.86
N ALA A 427 -10.60 -19.06 13.86
CA ALA A 427 -11.72 -18.85 14.78
C ALA A 427 -11.30 -19.28 16.20
N ARG A 428 -12.06 -18.82 17.18
CA ARG A 428 -11.65 -19.06 18.55
C ARG A 428 -12.00 -20.48 18.95
N LYS A 429 -13.24 -20.90 18.71
CA LYS A 429 -13.76 -22.19 19.16
CA LYS A 429 -13.62 -22.25 19.07
C LYS A 429 -14.63 -22.78 18.08
N PRO A 430 -14.79 -24.10 18.01
CA PRO A 430 -15.67 -24.72 17.00
C PRO A 430 -17.09 -24.21 16.98
N LEU A 431 -17.67 -23.92 18.16
CA LEU A 431 -19.06 -23.43 18.19
C LEU A 431 -19.23 -22.10 17.47
N ASP A 432 -18.14 -21.36 17.23
CA ASP A 432 -18.29 -20.10 16.51
C ASP A 432 -18.58 -20.30 15.03
N VAL A 433 -18.20 -21.43 14.47
CA VAL A 433 -18.28 -21.71 13.03
C VAL A 433 -19.45 -22.62 12.71
N TYR A 434 -19.64 -23.67 13.52
CA TYR A 434 -20.68 -24.68 13.25
C TYR A 434 -21.86 -24.34 14.14
N LYS A 435 -22.87 -23.70 13.56
CA LYS A 435 -24.02 -23.17 14.27
C LYS A 435 -25.18 -24.17 14.24
N LYS A 436 -26.01 -24.14 15.29
CA LYS A 436 -27.10 -25.11 15.41
C LYS A 436 -28.22 -24.79 14.43
N PRO A 437 -28.93 -25.84 13.91
CA PRO A 437 -28.83 -27.31 14.12
C PRO A 437 -27.50 -27.91 13.60
N SER A 438 -27.39 -29.11 13.04
CA SER A 438 -26.03 -29.59 12.76
C SER A 438 -25.30 -28.83 11.65
N GLY A 439 -24.60 -27.76 12.04
CA GLY A 439 -23.43 -27.19 11.37
C GLY A 439 -23.27 -27.13 9.85
N LYS A 440 -24.25 -26.59 9.12
CA LYS A 440 -24.07 -26.35 7.69
C LYS A 440 -23.29 -25.04 7.49
N CYS A 441 -22.57 -24.94 6.35
CA CYS A 441 -21.57 -23.87 6.15
C CYS A 441 -22.04 -22.63 5.38
N PHE A 442 -22.33 -22.79 4.09
CA PHE A 442 -22.98 -21.78 3.25
C PHE A 442 -22.15 -20.52 2.99
N PHE A 443 -20.84 -20.55 3.14
CA PHE A 443 -20.03 -19.61 2.37
C PHE A 443 -18.92 -20.35 1.65
N GLN A 444 -18.53 -19.83 0.50
CA GLN A 444 -17.44 -20.41 -0.29
C GLN A 444 -16.38 -19.43 -0.71
N GLY A 445 -16.53 -18.13 -0.42
CA GLY A 445 -15.49 -17.16 -0.73
C GLY A 445 -15.32 -16.18 0.42
N ASP A 446 -14.12 -15.66 0.55
CA ASP A 446 -13.86 -14.57 1.51
C ASP A 446 -12.61 -13.83 1.08
N HIS A 447 -12.32 -12.75 1.80
CA HIS A 447 -11.23 -11.86 1.44
C HIS A 447 -10.81 -11.24 2.76
N GLY A 448 -9.63 -10.56 2.76
CA GLY A 448 -9.13 -10.03 4.04
C GLY A 448 -7.63 -10.27 4.20
N PHE A 449 -7.11 -11.26 3.47
CA PHE A 449 -5.71 -11.66 3.58
C PHE A 449 -4.75 -10.55 3.18
N ASP A 450 -3.47 -10.85 3.44
CA ASP A 450 -2.29 -10.05 3.06
C ASP A 450 -2.48 -9.43 1.69
N ASN A 451 -2.23 -8.09 1.59
CA ASN A 451 -2.58 -7.41 0.36
C ASN A 451 -1.64 -7.71 -0.81
N LYS A 452 -0.58 -8.53 -0.64
CA LYS A 452 0.17 -8.99 -1.82
C LYS A 452 -0.40 -10.26 -2.46
N VAL A 453 -1.42 -10.89 -1.85
CA VAL A 453 -1.97 -12.18 -2.31
C VAL A 453 -2.70 -11.97 -3.65
N ASN A 454 -2.39 -12.79 -4.66
CA ASN A 454 -2.95 -12.55 -6.00
C ASN A 454 -4.48 -12.46 -6.01
N SER A 455 -5.14 -13.36 -5.27
CA SER A 455 -6.61 -13.41 -5.30
C SER A 455 -7.21 -12.17 -4.68
N MET A 456 -6.45 -11.45 -3.82
CA MET A 456 -6.98 -10.18 -3.25
C MET A 456 -6.80 -8.98 -4.20
N GLN A 457 -6.10 -9.09 -5.32
CA GLN A 457 -5.89 -7.90 -6.17
C GLN A 457 -7.19 -7.53 -6.86
N THR A 458 -7.33 -6.25 -7.13
CA THR A 458 -8.58 -5.70 -7.70
C THR A 458 -8.24 -4.89 -8.93
N VAL A 459 -9.18 -4.05 -9.37
CA VAL A 459 -9.16 -3.48 -10.73
C VAL A 459 -9.08 -1.96 -10.70
N PHE A 460 -8.53 -1.43 -11.80
CA PHE A 460 -8.58 0.01 -12.03
C PHE A 460 -8.70 0.25 -13.54
N VAL A 461 -9.72 1.05 -13.91
CA VAL A 461 -9.82 1.62 -15.24
C VAL A 461 -10.14 3.09 -15.09
N GLY A 462 -9.43 3.94 -15.86
CA GLY A 462 -9.84 5.35 -15.96
C GLY A 462 -10.21 5.67 -17.39
N TYR A 463 -11.35 6.35 -17.61
CA TYR A 463 -11.76 6.67 -18.96
C TYR A 463 -12.25 8.11 -19.01
N GLY A 464 -11.81 8.87 -20.00
CA GLY A 464 -12.36 10.21 -20.18
C GLY A 464 -11.31 11.15 -20.71
N PRO A 465 -11.61 12.44 -20.84
CA PRO A 465 -10.66 13.35 -21.50
C PRO A 465 -9.35 13.45 -20.77
N THR A 466 -9.33 13.30 -19.44
CA THR A 466 -8.08 13.58 -18.73
C THR A 466 -7.22 12.35 -18.63
N PHE A 467 -7.79 11.18 -18.81
CA PHE A 467 -6.98 9.96 -18.83
C PHE A 467 -6.39 9.77 -20.20
N LYS A 468 -5.35 8.94 -20.26
CA LYS A 468 -4.79 8.61 -21.56
C LYS A 468 -5.70 7.67 -22.37
N TYR A 469 -5.38 7.58 -23.67
CA TYR A 469 -6.13 6.78 -24.64
C TYR A 469 -5.45 5.42 -24.86
N ARG A 470 -6.22 4.35 -24.71
CA ARG A 470 -5.74 2.98 -25.02
C ARG A 470 -4.36 2.72 -24.42
N THR A 471 -4.24 2.93 -23.12
CA THR A 471 -2.95 2.88 -22.46
C THR A 471 -2.98 1.89 -21.31
N LYS A 472 -1.96 1.05 -21.26
N LYS A 472 -1.95 1.06 -21.21
CA LYS A 472 -1.71 0.20 -20.11
CA LYS A 472 -1.81 0.14 -20.07
C LYS A 472 -0.73 0.89 -19.18
C LYS A 472 -0.69 0.63 -19.18
N VAL A 473 -0.96 0.75 -17.88
CA VAL A 473 -0.02 1.26 -16.89
C VAL A 473 0.31 0.10 -15.95
N PRO A 474 1.44 0.14 -15.29
CA PRO A 474 1.81 -0.95 -14.39
C PRO A 474 0.91 -0.98 -13.17
N PRO A 475 0.88 -2.10 -12.46
CA PRO A 475 0.09 -2.18 -11.23
C PRO A 475 0.55 -1.15 -10.23
N PHE A 476 -0.42 -0.65 -9.45
CA PHE A 476 -0.11 0.38 -8.44
C PHE A 476 -1.05 0.16 -7.25
N GLU A 477 -0.80 0.90 -6.17
CA GLU A 477 -1.52 0.78 -4.90
C GLU A 477 -2.65 1.78 -4.82
N ASN A 478 -3.78 1.32 -4.20
CA ASN A 478 -4.93 2.20 -4.16
C ASN A 478 -4.71 3.45 -3.32
N ILE A 479 -3.70 3.49 -2.44
CA ILE A 479 -3.41 4.74 -1.72
C ILE A 479 -3.02 5.86 -2.65
N GLU A 480 -2.63 5.57 -3.90
CA GLU A 480 -2.19 6.60 -4.82
C GLU A 480 -3.32 7.34 -5.49
N LEU A 481 -4.53 6.78 -5.42
CA LEU A 481 -5.59 7.34 -6.28
C LEU A 481 -6.18 8.66 -5.76
N TYR A 482 -6.19 8.89 -4.46
CA TYR A 482 -6.72 10.14 -3.95
C TYR A 482 -6.00 11.33 -4.62
N ASN A 483 -4.66 11.30 -4.72
CA ASN A 483 -3.98 12.43 -5.36
C ASN A 483 -4.45 12.63 -6.80
N VAL A 484 -4.61 11.55 -7.53
CA VAL A 484 -5.03 11.62 -8.93
C VAL A 484 -6.43 12.20 -9.02
N MET A 485 -7.33 11.72 -8.15
CA MET A 485 -8.71 12.24 -8.17
C MET A 485 -8.71 13.72 -7.83
N CYS A 486 -7.81 14.14 -6.94
CA CYS A 486 -7.71 15.58 -6.66
C CYS A 486 -7.23 16.33 -7.91
N ASP A 487 -6.25 15.77 -8.60
CA ASP A 487 -5.74 16.37 -9.85
C ASP A 487 -6.87 16.49 -10.87
N LEU A 488 -7.67 15.43 -11.00
CA LEU A 488 -8.78 15.43 -11.96
C LEU A 488 -9.80 16.48 -11.65
N LEU A 489 -9.89 16.96 -10.40
CA LEU A 489 -10.86 17.97 -9.97
C LEU A 489 -10.24 19.33 -9.69
N GLY A 490 -8.96 19.51 -9.96
CA GLY A 490 -8.31 20.77 -9.64
C GLY A 490 -8.14 21.05 -8.16
N LEU A 491 -8.04 20.02 -7.32
CA LEU A 491 -8.01 20.19 -5.88
C LEU A 491 -6.59 20.04 -5.38
N LYS A 492 -6.29 20.73 -4.27
CA LYS A 492 -5.04 20.47 -3.56
C LYS A 492 -5.29 19.30 -2.61
N PRO A 493 -4.59 18.18 -2.71
CA PRO A 493 -4.86 17.05 -1.79
C PRO A 493 -4.47 17.38 -0.35
N ALA A 494 -5.27 16.86 0.60
CA ALA A 494 -4.87 16.86 2.00
C ALA A 494 -3.62 15.98 2.15
N PRO A 495 -2.81 16.19 3.18
CA PRO A 495 -1.64 15.30 3.37
C PRO A 495 -2.06 13.84 3.42
N ASN A 496 -1.35 12.98 2.67
CA ASN A 496 -1.78 11.59 2.60
C ASN A 496 -0.59 10.71 2.27
N ASN A 497 -0.84 9.42 2.09
CA ASN A 497 0.27 8.47 1.98
C ASN A 497 0.59 8.15 0.54
N GLY A 498 -0.16 8.68 -0.42
CA GLY A 498 0.26 8.56 -1.81
C GLY A 498 1.58 9.31 -1.99
N THR A 499 2.18 9.07 -3.14
CA THR A 499 3.39 9.80 -3.59
C THR A 499 2.98 10.57 -4.83
N HIS A 500 2.74 11.87 -4.65
CA HIS A 500 2.06 12.64 -5.68
C HIS A 500 3.03 12.82 -6.86
N GLY A 501 2.60 12.39 -8.05
CA GLY A 501 3.44 12.34 -9.25
C GLY A 501 3.77 10.90 -9.67
N SER A 502 3.63 9.96 -8.74
CA SER A 502 3.94 8.57 -9.12
C SER A 502 2.91 8.02 -10.12
N LEU A 503 1.71 8.60 -10.18
CA LEU A 503 0.72 8.19 -11.17
C LEU A 503 0.49 9.23 -12.26
N ASN A 504 1.44 10.13 -12.49
CA ASN A 504 1.23 11.11 -13.56
C ASN A 504 1.11 10.43 -14.92
N HIS A 505 1.71 9.24 -15.09
CA HIS A 505 1.69 8.55 -16.36
C HIS A 505 0.29 8.00 -16.70
N LEU A 506 -0.65 8.16 -15.77
CA LEU A 506 -2.03 7.78 -16.08
C LEU A 506 -2.74 8.89 -16.85
N LEU A 507 -2.24 10.09 -16.80
CA LEU A 507 -3.01 11.25 -17.25
C LEU A 507 -2.46 11.87 -18.53
N ARG A 508 -3.39 12.36 -19.37
CA ARG A 508 -3.04 13.05 -20.61
C ARG A 508 -2.54 14.45 -20.28
N THR A 509 -3.16 15.06 -19.26
CA THR A 509 -2.93 16.45 -18.86
C THR A 509 -2.73 16.40 -17.35
N ASN A 510 -1.52 16.73 -16.89
CA ASN A 510 -1.19 16.79 -15.46
C ASN A 510 -1.17 18.22 -14.95
N THR A 511 -1.82 18.42 -13.81
CA THR A 511 -1.79 19.70 -13.14
C THR A 511 -0.77 19.73 -12.01
N PHE A 512 -0.10 18.62 -11.71
CA PHE A 512 0.85 18.57 -10.62
C PHE A 512 2.25 18.26 -11.15
N ARG A 513 3.19 19.11 -10.82
CA ARG A 513 4.58 18.93 -11.27
C ARG A 513 5.43 18.59 -10.06
N PRO A 514 5.79 17.33 -9.85
CA PRO A 514 6.50 16.97 -8.64
C PRO A 514 7.93 17.49 -8.71
N THR A 515 8.48 17.79 -7.53
CA THR A 515 9.88 18.22 -7.45
C THR A 515 10.53 17.54 -6.25
N MET A 516 11.86 17.41 -6.30
CA MET A 516 12.52 16.66 -5.25
C MET A 516 12.55 17.48 -3.97
N PRO A 517 12.45 16.83 -2.81
CA PRO A 517 12.48 17.60 -1.55
C PRO A 517 13.86 18.19 -1.33
N ASP A 518 13.92 19.35 -0.70
CA ASP A 518 15.23 19.96 -0.52
C ASP A 518 16.05 19.19 0.51
N GLU A 519 17.36 19.10 0.28
CA GLU A 519 18.25 18.48 1.25
C GLU A 519 18.36 19.44 2.42
N VAL A 520 18.27 18.91 3.63
CA VAL A 520 18.29 19.71 4.85
C VAL A 520 19.67 19.73 5.50
N SER A 521 20.33 18.57 5.64
CA SER A 521 21.67 18.53 6.21
C SER A 521 22.71 18.30 5.14
N ARG A 522 23.71 19.10 5.13
CA ARG A 522 24.74 18.76 4.16
C ARG A 522 25.87 17.98 4.84
N PRO A 523 26.50 17.08 4.10
CA PRO A 523 27.51 16.22 4.71
C PRO A 523 28.80 16.97 5.00
N ASN A 524 29.51 16.45 5.99
CA ASN A 524 30.94 16.74 6.19
C ASN A 524 31.72 15.75 5.37
N TYR A 525 32.93 16.16 4.92
CA TYR A 525 33.80 15.25 4.19
C TYR A 525 35.14 15.14 4.92
N PRO A 526 35.19 14.34 6.01
CA PRO A 526 36.43 14.36 6.82
C PRO A 526 37.59 13.71 6.13
N GLY A 527 38.79 14.26 6.40
CA GLY A 527 40.05 13.63 6.07
C GLY A 527 40.64 12.96 7.29
N ILE A 528 41.91 12.55 7.18
CA ILE A 528 42.61 11.86 8.27
C ILE A 528 42.91 12.88 9.36
N MET A 529 42.30 12.69 10.53
CA MET A 529 42.37 13.67 11.58
CA MET A 529 42.39 13.67 11.58
C MET A 529 42.78 13.12 12.94
N TYR A 530 42.94 11.79 13.10
CA TYR A 530 43.17 11.22 14.43
C TYR A 530 44.26 10.18 14.32
N LEU A 531 45.17 10.16 15.27
CA LEU A 531 46.14 9.07 15.30
C LEU A 531 45.55 7.86 16.01
N GLN A 532 46.09 6.69 15.64
CA GLN A 532 45.58 5.43 16.19
C GLN A 532 45.56 5.45 17.72
N SER A 533 46.61 5.99 18.33
CA SER A 533 46.66 5.94 19.78
C SER A 533 45.65 6.87 20.47
N GLU A 534 44.92 7.71 19.73
CA GLU A 534 43.87 8.49 20.36
C GLU A 534 42.64 7.67 20.68
N PHE A 535 42.52 6.46 20.14
CA PHE A 535 41.32 5.65 20.31
C PHE A 535 41.50 4.69 21.47
N ASP A 536 40.44 4.47 22.22
CA ASP A 536 40.46 3.51 23.29
C ASP A 536 39.19 2.67 23.19
N LEU A 537 39.01 2.06 22.03
CA LEU A 537 37.72 1.42 21.70
C LEU A 537 37.67 -0.02 22.20
N GLY A 538 38.79 -0.57 22.69
CA GLY A 538 38.76 -1.97 23.02
C GLY A 538 38.73 -2.88 21.81
N CYS A 539 39.01 -2.38 20.62
CA CYS A 539 39.06 -3.19 19.41
C CYS A 539 40.48 -3.69 19.16
N THR A 540 40.56 -4.81 18.46
CA THR A 540 41.84 -5.29 17.96
C THR A 540 41.67 -5.74 16.51
N CYS A 541 42.75 -5.65 15.76
CA CYS A 541 42.76 -6.25 14.43
C CYS A 541 44.20 -6.60 14.05
N ASP A 542 44.40 -7.76 13.43
CA ASP A 542 45.70 -8.18 12.90
C ASP A 542 45.92 -7.55 11.50
N ASP A 543 46.19 -6.24 11.49
CA ASP A 543 46.27 -5.50 10.23
C ASP A 543 47.65 -4.86 10.00
N LYS A 544 48.66 -5.20 10.80
CA LYS A 544 49.99 -4.64 10.62
C LYS A 544 50.69 -5.21 9.40
N VAL A 545 50.07 -6.18 8.71
CA VAL A 545 50.77 -6.99 7.71
C VAL A 545 51.32 -6.10 6.60
N GLU A 546 52.60 -6.31 6.25
CA GLU A 546 53.32 -5.56 5.22
C GLU A 546 53.29 -4.05 5.47
N ASN A 549 55.46 0.86 -0.90
CA ASN A 549 55.30 0.85 -2.36
C ASN A 549 54.57 2.12 -2.80
N LYS A 550 55.26 2.98 -3.53
CA LYS A 550 54.73 4.30 -3.86
C LYS A 550 53.60 4.25 -4.90
N LEU A 551 53.56 3.21 -5.74
CA LEU A 551 52.55 3.13 -6.79
C LEU A 551 51.15 2.96 -6.20
N GLU A 552 50.98 1.98 -5.31
CA GLU A 552 49.67 1.65 -4.76
C GLU A 552 49.31 2.48 -3.53
N GLU A 553 50.23 3.33 -3.05
CA GLU A 553 49.88 4.27 -1.98
C GLU A 553 49.07 5.46 -2.51
N LEU A 554 49.41 5.95 -3.71
CA LEU A 554 48.59 6.99 -4.33
C LEU A 554 47.19 6.48 -4.64
N ASN A 555 47.09 5.25 -5.15
CA ASN A 555 45.82 4.61 -5.48
C ASN A 555 44.90 4.54 -4.25
N LYS A 556 45.48 4.21 -3.09
CA LYS A 556 44.75 4.14 -1.82
C LYS A 556 44.21 5.50 -1.40
N ARG A 557 45.03 6.56 -1.53
CA ARG A 557 44.59 7.90 -1.22
C ARG A 557 43.48 8.32 -2.16
N LEU A 558 43.62 7.99 -3.46
CA LEU A 558 42.59 8.36 -4.43
C LEU A 558 41.27 7.70 -4.07
N HIS A 559 41.30 6.43 -3.64
CA HIS A 559 40.05 5.76 -3.23
C HIS A 559 39.43 6.43 -2.03
N THR A 560 40.24 6.79 -1.01
CA THR A 560 39.64 7.45 0.16
C THR A 560 39.11 8.84 -0.17
N LYS A 561 39.56 9.45 -1.29
CA LYS A 561 39.05 10.76 -1.69
C LYS A 561 37.89 10.67 -2.66
N GLY A 562 37.48 9.46 -3.01
CA GLY A 562 36.28 9.25 -3.78
C GLY A 562 36.48 8.85 -5.23
N SER A 563 37.65 8.30 -5.61
CA SER A 563 37.92 8.06 -7.02
C SER A 563 37.04 6.95 -7.61
N THR A 564 36.59 5.99 -6.79
CA THR A 564 35.66 4.96 -7.29
C THR A 564 34.20 5.29 -6.99
N LYS A 565 33.89 6.51 -6.54
CA LYS A 565 32.52 6.75 -6.05
C LYS A 565 31.50 6.67 -7.18
N GLU A 566 31.89 6.93 -8.42
N GLU A 566 31.92 6.95 -8.41
CA GLU A 566 30.92 6.83 -9.50
CA GLU A 566 31.02 6.82 -9.55
C GLU A 566 30.56 5.38 -9.82
C GLU A 566 30.52 5.39 -9.70
N ARG A 567 31.39 4.42 -9.45
CA ARG A 567 30.99 3.01 -9.57
C ARG A 567 30.00 2.61 -8.49
N HIS A 568 30.22 3.06 -7.26
CA HIS A 568 29.48 2.54 -6.12
C HIS A 568 28.31 3.40 -5.68
N LEU A 569 28.27 4.68 -6.06
CA LEU A 569 27.14 5.54 -5.78
C LEU A 569 26.52 5.90 -7.13
N LEU A 570 25.60 5.08 -7.64
CA LEU A 570 25.26 5.17 -9.06
C LEU A 570 24.17 6.18 -9.35
N TYR A 571 23.43 6.55 -8.31
CA TYR A 571 22.25 7.40 -8.47
C TYR A 571 22.37 8.64 -7.57
N GLY A 572 23.61 9.04 -7.29
CA GLY A 572 23.90 10.20 -6.46
C GLY A 572 23.80 9.86 -4.97
N ARG A 573 24.37 10.76 -4.15
CA ARG A 573 24.16 10.36 -2.78
C ARG A 573 22.73 10.63 -2.34
N PRO A 574 22.21 9.85 -1.39
CA PRO A 574 20.89 10.11 -0.83
C PRO A 574 20.91 11.45 -0.14
N ALA A 575 19.78 12.16 -0.22
CA ALA A 575 19.68 13.43 0.52
C ALA A 575 19.13 13.19 1.92
N VAL A 576 19.66 13.90 2.91
CA VAL A 576 19.19 13.76 4.29
C VAL A 576 18.18 14.88 4.48
N LEU A 577 16.92 14.51 4.79
CA LEU A 577 15.84 15.48 4.82
C LEU A 577 15.52 15.98 6.23
N TYR A 578 16.44 15.82 7.20
CA TYR A 578 16.21 16.33 8.54
C TYR A 578 17.54 16.87 9.03
N ARG A 579 17.51 17.58 10.16
CA ARG A 579 18.70 18.24 10.71
CA ARG A 579 18.72 18.23 10.68
C ARG A 579 19.55 17.21 11.45
N THR A 580 20.78 17.00 11.01
CA THR A 580 21.65 16.07 11.74
C THR A 580 23.09 16.37 11.34
N SER A 581 24.03 15.64 11.94
CA SER A 581 25.45 15.80 11.64
CA SER A 581 25.46 15.79 11.65
C SER A 581 25.93 14.46 11.11
N TYR A 582 26.44 14.46 9.88
CA TYR A 582 26.92 13.19 9.33
C TYR A 582 28.10 13.43 8.40
N ASP A 583 28.84 12.35 8.09
CA ASP A 583 30.06 12.43 7.30
C ASP A 583 29.92 11.52 6.09
N ILE A 584 30.39 11.93 4.94
CA ILE A 584 30.56 11.00 3.82
C ILE A 584 31.95 10.36 3.91
N LEU A 585 31.97 9.03 3.87
CA LEU A 585 33.21 8.23 3.96
C LEU A 585 33.36 7.46 2.67
N TYR A 586 34.46 7.70 1.94
CA TYR A 586 34.73 6.97 0.70
C TYR A 586 35.67 5.79 0.97
N HIS A 587 35.47 4.71 0.19
CA HIS A 587 36.39 3.56 0.20
C HIS A 587 36.44 2.95 -1.19
N THR A 588 37.45 2.11 -1.42
CA THR A 588 37.55 1.40 -2.71
C THR A 588 36.26 0.74 -3.11
N ASP A 589 35.60 0.05 -2.18
CA ASP A 589 34.48 -0.81 -2.52
C ASP A 589 33.11 -0.29 -2.13
N PHE A 590 33.04 0.79 -1.35
CA PHE A 590 31.73 1.23 -0.87
C PHE A 590 31.84 2.67 -0.40
N GLU A 591 30.71 3.35 -0.37
CA GLU A 591 30.64 4.71 0.15
CA GLU A 591 30.67 4.69 0.19
C GLU A 591 29.59 4.74 1.25
N SER A 592 29.76 5.58 2.25
CA SER A 592 28.72 5.60 3.28
C SER A 592 28.44 7.03 3.76
N GLY A 593 27.24 7.20 4.33
CA GLY A 593 26.91 8.44 5.05
C GLY A 593 26.80 8.13 6.51
N TYR A 594 27.82 8.53 7.31
CA TYR A 594 28.00 8.08 8.67
C TYR A 594 27.47 9.10 9.67
N SER A 595 26.51 8.69 10.51
CA SER A 595 25.87 9.60 11.45
C SER A 595 26.70 9.72 12.71
N GLU A 596 27.10 10.93 13.05
CA GLU A 596 27.78 11.19 14.30
C GLU A 596 26.81 11.16 15.47
N ILE A 597 25.50 11.16 15.22
CA ILE A 597 24.50 11.13 16.26
C ILE A 597 24.13 9.70 16.63
N PHE A 598 23.92 8.85 15.62
CA PHE A 598 23.60 7.44 15.85
C PHE A 598 24.81 6.54 15.83
N LEU A 599 26.00 7.09 15.56
CA LEU A 599 27.26 6.35 15.63
C LEU A 599 27.31 5.17 14.64
N MET A 600 26.67 5.28 13.49
CA MET A 600 26.71 4.22 12.47
C MET A 600 26.25 4.86 11.17
N PRO A 601 26.43 4.20 10.02
CA PRO A 601 25.88 4.76 8.77
C PRO A 601 24.36 4.82 8.77
N LEU A 602 23.86 5.92 8.21
CA LEU A 602 22.47 5.99 7.79
C LEU A 602 22.26 5.19 6.51
N TRP A 603 23.27 5.13 5.66
CA TRP A 603 23.23 4.37 4.41
C TRP A 603 24.68 4.01 4.01
N THR A 604 24.80 2.89 3.30
CA THR A 604 26.06 2.35 2.77
C THR A 604 25.74 1.89 1.36
N SER A 605 26.52 2.34 0.37
CA SER A 605 26.19 2.09 -1.02
C SER A 605 27.36 1.39 -1.72
N TYR A 606 27.08 0.32 -2.48
CA TYR A 606 28.16 -0.42 -3.14
C TYR A 606 27.60 -1.13 -4.36
N THR A 607 28.39 -1.29 -5.40
CA THR A 607 28.01 -1.99 -6.61
C THR A 607 28.75 -3.31 -6.72
N ILE A 608 28.03 -4.35 -7.09
CA ILE A 608 28.60 -5.69 -7.29
C ILE A 608 28.32 -6.11 -8.73
N SER A 609 29.38 -6.34 -9.51
CA SER A 609 29.15 -6.66 -10.91
C SER A 609 28.81 -8.15 -11.03
N LYS A 610 28.29 -8.53 -12.22
CA LYS A 610 27.99 -9.92 -12.48
C LYS A 610 29.22 -10.81 -12.32
N GLN A 611 30.39 -10.27 -12.62
CA GLN A 611 31.67 -10.97 -12.52
C GLN A 611 32.30 -10.92 -11.14
N ALA A 612 31.67 -10.29 -10.14
CA ALA A 612 32.29 -10.15 -8.84
C ALA A 612 32.48 -11.51 -8.19
N GLU A 613 33.54 -11.65 -7.41
CA GLU A 613 33.81 -12.90 -6.73
C GLU A 613 33.60 -12.74 -5.22
N VAL A 614 33.06 -13.80 -4.61
CA VAL A 614 32.85 -13.90 -3.17
C VAL A 614 34.11 -14.50 -2.55
N SER A 615 34.54 -13.94 -1.43
CA SER A 615 35.69 -14.50 -0.70
C SER A 615 35.33 -14.66 0.78
N SER A 616 36.19 -15.36 1.50
CA SER A 616 35.93 -15.57 2.91
C SER A 616 36.47 -14.41 3.75
N ILE A 617 36.06 -14.38 5.01
CA ILE A 617 36.78 -13.56 5.97
C ILE A 617 37.99 -14.38 6.39
N PRO A 618 39.20 -13.93 6.08
CA PRO A 618 40.40 -14.71 6.46
C PRO A 618 40.42 -14.98 7.95
N GLU A 619 41.03 -16.12 8.30
CA GLU A 619 41.07 -16.56 9.70
C GLU A 619 41.59 -15.48 10.62
N HIS A 620 42.69 -14.84 10.23
CA HIS A 620 43.36 -13.91 11.11
C HIS A 620 42.56 -12.63 11.30
N LEU A 621 41.48 -12.46 10.52
CA LEU A 621 40.62 -11.27 10.59
C LEU A 621 39.24 -11.53 11.18
N THR A 622 38.98 -12.70 11.80
CA THR A 622 37.62 -13.04 12.18
C THR A 622 37.01 -11.97 13.08
N ASN A 623 37.75 -11.53 14.10
CA ASN A 623 37.25 -10.54 15.06
C ASN A 623 37.88 -9.16 14.87
N CYS A 624 38.39 -8.88 13.68
CA CYS A 624 38.97 -7.57 13.39
C CYS A 624 37.95 -6.43 13.43
N VAL A 625 38.25 -5.38 14.20
CA VAL A 625 37.51 -4.10 14.11
C VAL A 625 38.58 -3.00 14.22
N ARG A 626 38.52 -2.03 13.33
CA ARG A 626 39.62 -1.06 13.13
C ARG A 626 39.10 0.35 13.37
N PRO A 627 39.74 1.16 14.21
CA PRO A 627 39.37 2.59 14.28
C PRO A 627 39.45 3.22 12.89
N ASP A 628 38.57 4.19 12.64
CA ASP A 628 38.58 4.99 11.41
C ASP A 628 39.22 6.34 11.73
N VAL A 629 40.44 6.57 11.22
CA VAL A 629 41.15 7.80 11.56
C VAL A 629 40.51 9.08 11.01
N ARG A 630 39.44 8.98 10.22
CA ARG A 630 38.66 10.14 9.81
C ARG A 630 37.63 10.57 10.83
N VAL A 631 37.32 9.74 11.82
CA VAL A 631 36.17 9.93 12.69
C VAL A 631 36.61 9.92 14.14
N SER A 632 36.21 10.92 14.91
CA SER A 632 36.75 11.05 16.25
CA SER A 632 36.71 11.07 16.26
C SER A 632 36.40 9.85 17.12
N PRO A 633 37.29 9.50 18.07
CA PRO A 633 36.91 8.50 19.06
C PRO A 633 35.54 8.78 19.68
N GLY A 634 35.23 10.04 19.97
CA GLY A 634 33.97 10.35 20.64
C GLY A 634 32.74 10.13 19.78
N PHE A 635 32.92 9.98 18.48
CA PHE A 635 31.79 9.70 17.59
C PHE A 635 31.86 8.30 16.99
N SER A 636 32.60 7.39 17.63
CA SER A 636 32.74 6.02 17.20
C SER A 636 32.04 5.07 18.16
N GLN A 637 31.69 3.90 17.64
CA GLN A 637 31.28 2.77 18.48
C GLN A 637 32.52 2.24 19.19
N ASN A 638 32.32 1.26 20.08
CA ASN A 638 33.48 0.64 20.74
C ASN A 638 33.19 -0.84 20.90
N CYS A 639 34.24 -1.64 20.80
CA CYS A 639 34.07 -3.09 20.90
C CYS A 639 33.79 -3.55 22.32
N LEU A 640 34.24 -2.80 23.32
CA LEU A 640 33.99 -3.23 24.70
C LEU A 640 32.50 -3.36 24.99
N ALA A 641 31.70 -2.44 24.48
CA ALA A 641 30.26 -2.52 24.71
C ALA A 641 29.69 -3.82 24.15
N TYR A 642 30.13 -4.22 22.95
CA TYR A 642 29.67 -5.50 22.40
C TYR A 642 30.15 -6.69 23.24
N LYS A 643 31.37 -6.63 23.78
CA LYS A 643 31.82 -7.74 24.63
C LYS A 643 30.96 -7.84 25.87
N ASN A 644 30.65 -6.68 26.48
CA ASN A 644 29.90 -6.65 27.73
C ASN A 644 28.44 -7.04 27.53
N ASP A 645 27.86 -6.70 26.37
CA ASP A 645 26.46 -6.98 26.10
C ASP A 645 26.34 -8.43 25.64
N LYS A 646 25.83 -9.30 26.53
CA LYS A 646 25.83 -10.73 26.24
C LYS A 646 24.74 -11.11 25.25
N GLN A 647 23.78 -10.23 24.98
CA GLN A 647 22.76 -10.50 23.99
C GLN A 647 23.09 -9.96 22.61
N MET A 648 23.97 -8.97 22.52
CA MET A 648 24.14 -8.20 21.31
C MET A 648 25.51 -8.44 20.73
N SER A 649 25.56 -8.78 19.43
CA SER A 649 26.77 -8.88 18.62
C SER A 649 26.78 -7.75 17.58
N TYR A 650 27.60 -7.88 16.54
CA TYR A 650 27.64 -6.87 15.48
C TYR A 650 27.80 -7.54 14.13
N GLY A 651 27.41 -6.80 13.09
CA GLY A 651 27.70 -7.16 11.73
C GLY A 651 28.20 -5.92 11.00
N PHE A 652 28.31 -6.03 9.68
CA PHE A 652 28.86 -4.97 8.86
C PHE A 652 27.92 -4.61 7.73
N LEU A 653 27.84 -3.33 7.39
CA LEU A 653 26.86 -2.99 6.35
C LEU A 653 27.41 -3.28 4.95
N PHE A 654 28.69 -2.85 4.65
CA PHE A 654 29.32 -3.35 3.45
C PHE A 654 29.94 -4.71 3.78
N PRO A 655 29.61 -5.78 3.05
CA PRO A 655 30.04 -7.13 3.48
C PRO A 655 31.50 -7.41 3.16
N PRO A 656 32.29 -7.85 4.13
CA PRO A 656 33.67 -8.22 3.82
C PRO A 656 33.81 -9.30 2.77
N TYR A 657 32.79 -10.15 2.63
CA TYR A 657 32.83 -11.22 1.64
C TYR A 657 32.93 -10.70 0.22
N LEU A 658 32.57 -9.44 -0.02
CA LEU A 658 32.52 -8.96 -1.39
C LEU A 658 33.60 -7.92 -1.66
N SER A 659 34.60 -7.87 -0.81
CA SER A 659 35.78 -7.04 -1.06
C SER A 659 36.41 -7.33 -2.44
N SER A 660 36.98 -6.28 -3.03
CA SER A 660 37.56 -6.43 -4.38
C SER A 660 38.98 -6.95 -4.33
N SER A 661 39.66 -6.88 -3.19
CA SER A 661 41.03 -7.35 -3.08
C SER A 661 41.30 -7.61 -1.62
N PRO A 662 42.29 -8.45 -1.30
CA PRO A 662 42.61 -8.62 0.11
C PRO A 662 42.96 -7.31 0.77
N GLU A 663 43.60 -6.36 0.06
CA GLU A 663 43.87 -5.10 0.73
C GLU A 663 42.60 -4.28 0.96
N ALA A 664 41.68 -4.25 -0.01
CA ALA A 664 40.47 -3.47 0.22
C ALA A 664 39.65 -4.06 1.36
N LYS A 665 39.75 -5.39 1.56
CA LYS A 665 38.92 -6.03 2.59
C LYS A 665 39.12 -5.41 3.96
N TYR A 666 40.31 -4.85 4.26
CA TYR A 666 40.50 -4.20 5.55
C TYR A 666 39.55 -3.03 5.78
N ASP A 667 39.16 -2.33 4.72
CA ASP A 667 38.18 -1.24 4.86
C ASP A 667 36.87 -1.73 5.44
N ALA A 668 36.48 -2.95 5.10
CA ALA A 668 35.19 -3.46 5.56
C ALA A 668 35.14 -3.66 7.08
N PHE A 669 36.28 -3.73 7.74
CA PHE A 669 36.27 -3.94 9.18
C PHE A 669 36.41 -2.64 9.95
N LEU A 670 36.35 -1.51 9.28
CA LEU A 670 36.32 -0.24 10.01
C LEU A 670 35.16 -0.17 10.99
N VAL A 671 35.40 0.47 12.16
CA VAL A 671 34.37 0.66 13.19
C VAL A 671 33.19 1.43 12.64
N THR A 672 33.41 2.21 11.60
CA THR A 672 32.40 3.02 10.96
C THR A 672 31.54 2.26 9.96
N ASN A 673 31.81 0.97 9.72
CA ASN A 673 30.98 0.08 8.91
C ASN A 673 30.22 -0.94 9.79
N MET A 674 30.39 -0.89 11.11
CA MET A 674 29.84 -1.89 12.03
CA MET A 674 29.80 -1.92 11.95
C MET A 674 28.46 -1.46 12.51
N VAL A 675 27.54 -2.41 12.67
CA VAL A 675 26.24 -2.10 13.23
C VAL A 675 25.86 -3.19 14.24
N PRO A 676 25.05 -2.85 15.23
CA PRO A 676 24.63 -3.88 16.23
C PRO A 676 23.69 -4.92 15.63
N MET A 677 23.99 -6.20 15.91
CA MET A 677 23.11 -7.27 15.41
C MET A 677 23.01 -8.37 16.41
N TYR A 678 21.79 -8.81 16.67
CA TYR A 678 21.57 -10.02 17.46
C TYR A 678 22.18 -11.22 16.74
N PRO A 679 22.76 -12.16 17.46
CA PRO A 679 23.25 -13.39 16.79
C PRO A 679 22.20 -14.07 15.94
N ALA A 680 20.93 -14.08 16.37
CA ALA A 680 19.93 -14.73 15.55
C ALA A 680 19.78 -14.00 14.21
N PHE A 681 19.82 -12.66 14.24
CA PHE A 681 19.68 -11.90 13.01
C PHE A 681 20.92 -11.99 12.15
N LYS A 682 22.09 -12.17 12.77
CA LYS A 682 23.31 -12.33 11.97
C LYS A 682 23.23 -13.56 11.06
N ARG A 683 22.44 -14.59 11.42
CA ARG A 683 22.26 -15.71 10.51
C ARG A 683 21.59 -15.24 9.23
N VAL A 684 20.57 -14.38 9.38
CA VAL A 684 19.89 -13.86 8.21
C VAL A 684 20.81 -12.96 7.40
N TRP A 685 21.43 -11.98 8.07
CA TRP A 685 22.23 -10.99 7.37
C TRP A 685 23.43 -11.61 6.65
N ALA A 686 24.11 -12.58 7.29
CA ALA A 686 25.30 -13.16 6.69
C ALA A 686 24.95 -13.97 5.46
N TYR A 687 23.79 -14.65 5.48
CA TYR A 687 23.39 -15.38 4.31
C TYR A 687 23.01 -14.43 3.15
N PHE A 688 22.31 -13.34 3.47
CA PHE A 688 22.04 -12.31 2.49
C PHE A 688 23.33 -11.80 1.86
N GLN A 689 24.31 -11.47 2.70
CA GLN A 689 25.53 -10.84 2.21
C GLN A 689 26.43 -11.81 1.46
N ARG A 690 26.57 -13.04 1.97
CA ARG A 690 27.52 -14.00 1.44
C ARG A 690 26.99 -14.71 0.19
N VAL A 691 25.68 -15.03 0.18
CA VAL A 691 25.07 -15.83 -0.86
C VAL A 691 24.16 -14.98 -1.74
N LEU A 692 23.26 -14.18 -1.15
CA LEU A 692 22.16 -13.65 -1.96
C LEU A 692 22.61 -12.44 -2.80
N VAL A 693 23.44 -11.56 -2.26
CA VAL A 693 23.86 -10.43 -3.08
C VAL A 693 24.50 -10.91 -4.36
N LYS A 694 25.42 -11.89 -4.26
CA LYS A 694 26.07 -12.35 -5.48
CA LYS A 694 26.07 -12.40 -5.47
C LYS A 694 25.08 -13.04 -6.40
N LYS A 695 24.12 -13.78 -5.83
CA LYS A 695 23.09 -14.38 -6.68
C LYS A 695 22.32 -13.32 -7.46
N TYR A 696 21.91 -12.26 -6.79
CA TYR A 696 21.21 -11.20 -7.50
C TYR A 696 22.10 -10.52 -8.55
N ALA A 697 23.41 -10.33 -8.25
CA ALA A 697 24.27 -9.76 -9.28
C ALA A 697 24.33 -10.66 -10.50
N SER A 698 24.37 -11.99 -10.28
CA SER A 698 24.42 -12.94 -11.39
CA SER A 698 24.44 -12.90 -11.41
CA SER A 698 24.42 -12.93 -11.38
C SER A 698 23.15 -12.87 -12.22
N GLU A 699 21.99 -12.81 -11.55
CA GLU A 699 20.70 -12.88 -12.22
C GLU A 699 20.32 -11.56 -12.88
N ARG A 700 20.78 -10.44 -12.35
CA ARG A 700 20.33 -9.12 -12.81
C ARG A 700 21.40 -8.37 -13.59
N ASN A 701 22.56 -9.00 -13.83
CA ASN A 701 23.71 -8.38 -14.52
C ASN A 701 24.26 -7.23 -13.67
N GLY A 702 24.65 -7.60 -12.45
CA GLY A 702 25.14 -6.59 -11.54
C GLY A 702 24.01 -5.97 -10.75
N VAL A 703 24.32 -5.60 -9.51
CA VAL A 703 23.37 -4.84 -8.70
C VAL A 703 24.10 -3.73 -7.95
N ASN A 704 23.37 -2.62 -7.71
CA ASN A 704 23.80 -1.63 -6.75
C ASN A 704 22.98 -1.83 -5.49
N VAL A 705 23.64 -1.87 -4.34
CA VAL A 705 23.01 -2.15 -3.05
C VAL A 705 23.18 -0.94 -2.16
N ILE A 706 22.08 -0.43 -1.59
CA ILE A 706 22.20 0.54 -0.49
C ILE A 706 21.56 -0.10 0.74
N SER A 707 22.35 -0.23 1.83
CA SER A 707 21.88 -0.87 3.06
C SER A 707 22.00 0.12 4.21
N GLY A 708 21.24 -0.14 5.27
CA GLY A 708 21.28 0.73 6.42
C GLY A 708 20.38 0.27 7.57
N PRO A 709 20.48 0.96 8.71
CA PRO A 709 19.60 0.70 9.87
C PRO A 709 18.32 1.50 9.73
N ILE A 710 17.30 1.05 10.47
CA ILE A 710 16.06 1.81 10.69
C ILE A 710 15.74 1.73 12.17
N PHE A 711 15.24 2.84 12.72
CA PHE A 711 14.79 2.92 14.11
C PHE A 711 13.33 3.35 14.07
N ASP A 712 12.45 2.41 14.40
CA ASP A 712 11.03 2.75 14.51
C ASP A 712 10.40 2.15 15.77
N TYR A 713 10.86 2.60 16.94
CA TYR A 713 10.41 2.04 18.22
C TYR A 713 8.94 2.31 18.55
N ASN A 714 8.34 3.35 17.95
CA ASN A 714 6.92 3.64 18.17
C ASN A 714 6.08 3.17 16.98
N TYR A 715 6.67 2.38 16.08
CA TYR A 715 5.96 1.66 15.01
C TYR A 715 4.99 2.56 14.28
N ASP A 716 5.42 3.80 14.03
CA ASP A 716 4.57 4.70 13.21
C ASP A 716 5.02 4.78 11.76
N GLY A 717 5.98 3.95 11.32
CA GLY A 717 6.38 4.00 9.95
C GLY A 717 7.31 5.16 9.59
N LEU A 718 7.73 5.96 10.60
CA LEU A 718 8.54 7.16 10.38
C LEU A 718 9.82 7.12 11.21
N ARG A 719 10.88 7.67 10.64
CA ARG A 719 12.18 7.74 11.31
CA ARG A 719 12.18 7.78 11.29
C ARG A 719 12.05 8.24 12.74
N ASP A 720 12.62 7.48 13.69
CA ASP A 720 12.66 7.95 15.08
C ASP A 720 13.71 9.05 15.27
N THR A 721 13.36 10.04 16.08
CA THR A 721 14.37 10.95 16.65
C THR A 721 15.17 10.24 17.74
N GLU A 722 16.32 10.84 18.08
CA GLU A 722 17.20 10.13 19.00
C GLU A 722 16.53 9.93 20.35
N ASP A 723 15.61 10.81 20.74
CA ASP A 723 15.01 10.63 22.04
C ASP A 723 13.85 9.64 22.03
N GLU A 724 13.58 8.95 20.91
CA GLU A 724 12.57 7.90 20.90
C GLU A 724 13.18 6.49 21.01
N ILE A 725 14.50 6.39 21.04
CA ILE A 725 15.17 5.08 21.01
C ILE A 725 15.05 4.39 22.35
N LYS A 726 14.56 3.14 22.35
CA LYS A 726 14.32 2.45 23.63
C LYS A 726 15.39 1.41 23.98
N GLN A 727 16.34 1.15 23.09
N GLN A 727 16.34 1.13 23.09
CA GLN A 727 17.32 0.11 23.39
CA GLN A 727 17.32 0.10 23.38
C GLN A 727 18.68 0.54 22.86
C GLN A 727 18.68 0.52 22.86
N TYR A 728 19.71 0.33 23.70
CA TYR A 728 21.10 0.65 23.35
C TYR A 728 21.95 -0.57 23.63
N VAL A 729 23.13 -0.62 22.99
CA VAL A 729 24.07 -1.67 23.35
C VAL A 729 24.53 -1.42 24.76
N GLU A 730 24.59 -2.48 25.58
CA GLU A 730 24.70 -2.30 27.03
C GLU A 730 25.85 -1.36 27.42
N GLY A 731 25.54 -0.34 28.22
CA GLY A 731 26.58 0.53 28.73
C GLY A 731 27.10 1.55 27.73
N SER A 732 26.43 1.73 26.60
CA SER A 732 26.89 2.65 25.55
C SER A 732 25.77 3.58 25.11
N SER A 733 26.14 4.50 24.23
CA SER A 733 25.15 5.27 23.51
C SER A 733 24.92 4.74 22.10
N ILE A 734 25.28 3.49 21.82
CA ILE A 734 25.07 2.93 20.48
C ILE A 734 23.62 2.46 20.37
N PRO A 735 22.77 3.10 19.59
CA PRO A 735 21.34 2.69 19.55
C PRO A 735 21.15 1.42 18.74
N VAL A 736 20.13 0.63 19.11
CA VAL A 736 19.86 -0.65 18.46
C VAL A 736 18.79 -0.44 17.38
N PRO A 737 19.09 -0.70 16.11
CA PRO A 737 18.05 -0.61 15.05
C PRO A 737 16.91 -1.59 15.31
N THR A 738 15.71 -1.19 14.92
CA THR A 738 14.57 -2.11 14.92
C THR A 738 14.49 -2.92 13.63
N HIS A 739 15.12 -2.45 12.57
CA HIS A 739 15.06 -3.06 11.24
C HIS A 739 16.36 -2.75 10.53
N TYR A 740 16.67 -3.59 9.54
CA TYR A 740 17.72 -3.29 8.57
C TYR A 740 17.16 -3.33 7.15
N TYR A 741 17.51 -2.34 6.32
CA TYR A 741 16.99 -2.29 4.96
C TYR A 741 18.07 -2.56 3.95
N SER A 742 17.63 -2.93 2.76
CA SER A 742 18.48 -2.84 1.57
C SER A 742 17.62 -2.48 0.39
N ILE A 743 18.19 -1.70 -0.52
CA ILE A 743 17.59 -1.30 -1.80
C ILE A 743 18.51 -1.79 -2.89
N ILE A 744 18.02 -2.68 -3.74
CA ILE A 744 18.88 -3.38 -4.69
C ILE A 744 18.43 -2.98 -6.10
N THR A 745 19.24 -2.18 -6.81
CA THR A 745 18.84 -1.58 -8.09
C THR A 745 19.71 -2.16 -9.21
N SER A 746 19.13 -2.31 -10.41
CA SER A 746 19.88 -2.76 -11.60
C SER A 746 19.20 -2.15 -12.81
N CYS A 747 19.63 -2.56 -13.99
CA CYS A 747 19.10 -2.03 -15.23
C CYS A 747 17.86 -2.82 -15.60
N LEU A 748 16.76 -2.12 -15.92
CA LEU A 748 15.58 -2.85 -16.37
C LEU A 748 15.92 -3.73 -17.58
N ASP A 749 16.68 -3.18 -18.53
CA ASP A 749 17.23 -3.96 -19.65
C ASP A 749 18.45 -4.71 -19.11
N PHE A 750 18.26 -5.96 -18.74
CA PHE A 750 19.36 -6.64 -18.06
C PHE A 750 20.47 -7.07 -19.00
N THR A 751 20.38 -6.81 -20.33
CA THR A 751 21.56 -6.97 -21.17
C THR A 751 22.59 -5.90 -20.91
N GLN A 752 22.22 -4.86 -20.18
CA GLN A 752 23.16 -3.84 -19.77
C GLN A 752 23.52 -4.00 -18.30
N PRO A 753 24.80 -3.86 -17.97
CA PRO A 753 25.22 -4.00 -16.57
C PRO A 753 24.66 -2.88 -15.70
N ALA A 754 24.52 -3.16 -14.40
CA ALA A 754 23.92 -2.15 -13.53
C ALA A 754 24.71 -0.87 -13.58
N ASP A 755 26.03 -0.96 -13.71
CA ASP A 755 26.82 0.28 -13.66
C ASP A 755 26.94 0.96 -15.01
N LYS A 756 26.36 0.40 -16.07
CA LYS A 756 26.41 1.05 -17.38
C LYS A 756 25.05 0.97 -18.05
N CYS A 757 24.03 1.46 -17.36
CA CYS A 757 22.64 1.33 -17.76
C CYS A 757 22.15 2.63 -18.37
N ASP A 758 21.56 2.56 -19.55
CA ASP A 758 21.16 3.75 -20.27
C ASP A 758 19.70 4.12 -20.06
N GLY A 759 18.90 3.20 -19.54
CA GLY A 759 17.47 3.37 -19.56
C GLY A 759 16.87 3.25 -18.17
N PRO A 760 15.59 2.83 -18.12
CA PRO A 760 14.90 2.68 -16.83
C PRO A 760 15.55 1.62 -15.96
N LEU A 761 15.24 1.75 -14.68
CA LEU A 761 15.83 0.98 -13.60
C LEU A 761 14.86 -0.08 -13.13
N SER A 762 15.41 -1.06 -12.42
CA SER A 762 14.64 -2.13 -11.79
C SER A 762 15.08 -2.18 -10.34
N VAL A 763 14.14 -2.28 -9.40
CA VAL A 763 14.49 -2.27 -7.97
C VAL A 763 13.73 -3.35 -7.21
N SER A 764 14.39 -3.96 -6.22
CA SER A 764 13.70 -4.71 -5.15
C SER A 764 14.30 -4.27 -3.84
N SER A 765 13.49 -4.21 -2.80
CA SER A 765 14.00 -3.78 -1.51
C SER A 765 13.33 -4.57 -0.40
N PHE A 766 13.97 -4.53 0.79
CA PHE A 766 13.37 -5.17 1.97
C PHE A 766 13.65 -4.34 3.22
N ILE A 767 12.80 -4.56 4.23
CA ILE A 767 12.97 -3.99 5.56
C ILE A 767 12.87 -5.17 6.52
N LEU A 768 14.05 -5.71 6.95
CA LEU A 768 14.03 -6.93 7.77
C LEU A 768 13.89 -6.55 9.24
N PRO A 769 13.01 -7.17 9.99
CA PRO A 769 12.93 -6.91 11.43
C PRO A 769 14.19 -7.43 12.11
N HIS A 770 14.78 -6.59 12.96
CA HIS A 770 15.99 -6.95 13.70
C HIS A 770 15.58 -7.64 14.99
N ARG A 771 15.39 -8.97 14.91
CA ARG A 771 14.83 -9.66 16.07
C ARG A 771 15.85 -10.56 16.73
N PRO A 772 15.73 -10.77 18.03
CA PRO A 772 16.72 -11.57 18.74
C PRO A 772 16.48 -13.07 18.62
N ASP A 773 15.42 -13.47 17.91
CA ASP A 773 15.15 -14.87 17.68
C ASP A 773 14.62 -14.99 16.25
N ASN A 774 14.58 -16.22 15.73
CA ASN A 774 13.97 -16.47 14.43
C ASN A 774 12.66 -17.24 14.59
N ASP A 775 11.87 -16.88 15.61
CA ASP A 775 10.60 -17.58 15.80
C ASP A 775 9.63 -17.38 14.65
N GLU A 776 9.75 -16.26 13.93
CA GLU A 776 8.94 -16.02 12.72
C GLU A 776 9.14 -17.10 11.65
N SER A 777 10.33 -17.70 11.59
CA SER A 777 10.68 -18.67 10.55
C SER A 777 10.62 -20.07 11.12
N CYS A 778 9.52 -20.80 10.87
CA CYS A 778 9.38 -22.10 11.53
C CYS A 778 10.44 -23.11 11.11
N ASN A 779 11.08 -22.90 9.94
CA ASN A 779 12.11 -23.84 9.52
C ASN A 779 13.50 -23.35 9.87
N SER A 780 13.62 -22.41 10.81
CA SER A 780 14.92 -21.75 11.01
C SER A 780 15.97 -22.67 11.62
N SER A 781 15.61 -23.84 12.10
CA SER A 781 16.64 -24.77 12.56
CA SER A 781 16.64 -24.77 12.56
C SER A 781 17.42 -25.37 11.40
N GLU A 782 16.92 -25.27 10.19
CA GLU A 782 17.57 -25.80 9.00
C GLU A 782 18.63 -24.82 8.51
N ASP A 783 19.41 -25.27 7.53
CA ASP A 783 20.31 -24.37 6.81
C ASP A 783 19.56 -23.15 6.29
N GLU A 784 20.27 -22.04 6.29
CA GLU A 784 19.69 -20.79 5.85
C GLU A 784 19.17 -20.81 4.43
N SER A 785 19.72 -21.66 3.56
CA SER A 785 19.21 -21.79 2.19
C SER A 785 17.77 -22.30 2.17
N LYS A 786 17.25 -22.77 3.30
CA LYS A 786 15.89 -23.26 3.37
C LYS A 786 14.91 -22.28 3.96
N TRP A 787 15.36 -21.13 4.49
CA TRP A 787 14.38 -20.22 5.07
C TRP A 787 14.69 -18.73 5.00
N VAL A 788 15.94 -18.34 4.80
CA VAL A 788 16.22 -16.90 4.86
C VAL A 788 15.56 -16.16 3.71
N GLU A 789 15.63 -16.71 2.48
CA GLU A 789 15.11 -15.92 1.38
C GLU A 789 13.58 -15.78 1.51
N GLU A 790 12.91 -16.82 2.00
CA GLU A 790 11.46 -16.78 2.26
C GLU A 790 11.11 -15.66 3.25
N LEU A 791 11.89 -15.53 4.32
CA LEU A 791 11.74 -14.40 5.25
C LEU A 791 11.92 -13.07 4.55
N MET A 792 13.00 -12.89 3.77
CA MET A 792 13.22 -11.61 3.08
C MET A 792 12.09 -11.26 2.15
N LYS A 793 11.53 -12.25 1.45
CA LYS A 793 10.43 -11.98 0.53
C LYS A 793 9.20 -11.49 1.29
N MET A 794 8.92 -12.08 2.45
CA MET A 794 7.78 -11.64 3.24
CA MET A 794 7.78 -11.63 3.24
C MET A 794 7.92 -10.17 3.64
N HIS A 795 9.15 -9.71 3.78
CA HIS A 795 9.45 -8.36 4.27
C HIS A 795 9.90 -7.44 3.12
N THR A 796 9.52 -7.78 1.89
CA THR A 796 9.72 -6.91 0.74
C THR A 796 9.13 -5.53 1.00
N ALA A 797 9.69 -4.53 0.36
CA ALA A 797 9.29 -3.15 0.67
C ALA A 797 9.44 -2.25 -0.54
N ARG A 798 8.73 -1.10 -0.50
CA ARG A 798 8.95 -0.05 -1.49
C ARG A 798 10.11 0.82 -1.03
N VAL A 799 10.81 1.43 -2.01
CA VAL A 799 11.80 2.43 -1.63
C VAL A 799 11.14 3.51 -0.76
N ARG A 800 9.93 3.91 -1.11
N ARG A 800 9.92 3.94 -1.11
CA ARG A 800 9.21 4.93 -0.37
CA ARG A 800 9.23 4.96 -0.35
C ARG A 800 9.07 4.56 1.10
C ARG A 800 9.07 4.57 1.10
N ASP A 801 8.85 3.27 1.39
CA ASP A 801 8.67 2.85 2.77
C ASP A 801 9.95 3.10 3.56
N ILE A 802 11.08 2.82 2.91
CA ILE A 802 12.38 3.05 3.53
C ILE A 802 12.60 4.54 3.72
N GLU A 803 12.23 5.34 2.70
CA GLU A 803 12.38 6.81 2.82
C GLU A 803 11.64 7.34 4.06
N HIS A 804 10.40 6.91 4.27
CA HIS A 804 9.68 7.40 5.45
C HIS A 804 10.41 7.01 6.73
N LEU A 805 10.94 5.76 6.74
CA LEU A 805 11.55 5.22 7.95
C LEU A 805 12.96 5.76 8.20
N THR A 806 13.58 6.43 7.22
CA THR A 806 14.97 6.93 7.39
C THR A 806 15.09 8.42 7.20
N GLY A 807 14.07 9.09 6.66
CA GLY A 807 14.31 10.49 6.35
C GLY A 807 15.31 10.73 5.25
N LEU A 808 15.57 9.72 4.42
CA LEU A 808 16.45 9.87 3.26
C LEU A 808 15.62 9.98 1.98
N ASP A 809 16.23 10.58 0.95
CA ASP A 809 15.64 10.63 -0.40
C ASP A 809 16.65 10.04 -1.39
N PHE A 810 16.23 8.98 -2.07
CA PHE A 810 17.12 8.25 -2.97
C PHE A 810 16.95 8.68 -4.44
N TYR A 811 17.82 8.17 -5.31
CA TYR A 811 17.72 8.38 -6.76
C TYR A 811 17.70 9.87 -7.10
N ARG A 812 18.58 10.66 -6.44
CA ARG A 812 18.62 12.12 -6.68
C ARG A 812 19.24 12.44 -8.03
N LYS A 813 20.15 11.60 -8.54
CA LYS A 813 20.95 11.91 -9.73
C LYS A 813 20.84 10.73 -10.70
N THR A 814 19.87 10.77 -11.58
CA THR A 814 19.71 9.79 -12.65
C THR A 814 19.41 10.55 -13.94
N SER A 815 19.37 9.82 -15.05
CA SER A 815 18.97 10.39 -16.31
C SER A 815 17.48 10.23 -16.52
N ARG A 816 16.75 9.78 -15.51
CA ARG A 816 15.33 9.47 -15.71
C ARG A 816 14.47 10.63 -15.22
N SER A 817 13.24 10.74 -15.78
CA SER A 817 12.35 11.80 -15.33
C SER A 817 11.94 11.57 -13.88
N TYR A 818 11.62 12.66 -13.18
CA TYR A 818 11.31 12.50 -11.77
C TYR A 818 10.01 11.74 -11.57
N SER A 819 9.01 11.94 -12.44
CA SER A 819 7.79 11.15 -12.32
CA SER A 819 7.79 11.14 -12.29
C SER A 819 8.07 9.65 -12.46
N GLU A 820 8.97 9.28 -13.40
CA GLU A 820 9.35 7.87 -13.54
C GLU A 820 10.02 7.36 -12.27
N ILE A 821 10.91 8.15 -11.71
CA ILE A 821 11.59 7.77 -10.45
C ILE A 821 10.57 7.64 -9.30
N LEU A 822 9.55 8.52 -9.23
CA LEU A 822 8.52 8.33 -8.23
C LEU A 822 7.76 7.01 -8.40
N THR A 823 7.47 6.62 -9.64
CA THR A 823 6.84 5.32 -9.87
C THR A 823 7.79 4.24 -9.38
N LEU A 824 9.07 4.39 -9.71
CA LEU A 824 10.04 3.38 -9.25
C LEU A 824 10.07 3.28 -7.74
N LYS A 825 9.99 4.40 -7.03
CA LYS A 825 10.05 4.36 -5.56
C LYS A 825 8.80 3.71 -4.96
N THR A 826 7.65 3.74 -5.67
CA THR A 826 6.48 3.09 -5.12
C THR A 826 6.35 1.62 -5.53
N TYR A 827 7.23 1.10 -6.40
CA TYR A 827 7.19 -0.28 -6.80
C TYR A 827 7.36 -1.21 -5.59
N LEU A 828 6.61 -2.30 -5.59
CA LEU A 828 6.83 -3.39 -4.61
C LEU A 828 7.05 -4.68 -5.37
N HIS A 829 8.19 -5.36 -5.11
CA HIS A 829 8.36 -6.68 -5.69
C HIS A 829 7.62 -7.69 -4.81
N THR A 830 6.55 -8.31 -5.31
CA THR A 830 5.72 -9.12 -4.41
C THR A 830 6.03 -10.61 -4.37
N TYR A 831 6.67 -11.17 -5.41
CA TYR A 831 7.09 -12.59 -5.43
C TYR A 831 5.92 -13.53 -5.61
N GLU A 832 4.79 -13.00 -6.07
CA GLU A 832 3.70 -13.86 -6.46
C GLU A 832 3.93 -14.32 -7.89
N SER A 833 3.27 -15.42 -8.28
CA SER A 833 3.32 -15.75 -9.70
C SER A 833 2.36 -14.85 -10.48
N GLU A 834 2.38 -14.98 -11.81
CA GLU A 834 1.56 -14.10 -12.65
C GLU A 834 0.08 -14.43 -12.57
C1 NAG B . 0.42 8.80 6.15
C2 NAG B . 1.66 8.86 6.99
C3 NAG B . 1.32 9.45 8.33
C4 NAG B . 0.57 10.79 8.18
C5 NAG B . -0.55 10.67 7.11
C6 NAG B . -1.12 12.03 6.74
C7 NAG B . 3.46 7.18 6.67
C8 NAG B . 3.91 5.79 7.04
N2 NAG B . 2.25 7.54 7.14
O3 NAG B . 2.50 9.64 9.14
O4 NAG B . -0.12 11.01 9.40
O5 NAG B . -0.03 10.11 5.92
O6 NAG B . -0.07 12.94 6.44
O7 NAG B . 4.14 7.91 5.95
C1 NAG B . 0.21 12.22 10.04
C2 NAG B . -0.96 12.51 10.98
C3 NAG B . -0.68 13.78 11.77
C4 NAG B . 0.68 13.69 12.47
C5 NAG B . 1.79 13.26 11.50
C6 NAG B . 3.08 12.90 12.25
C7 NAG B . -3.10 11.58 10.07
C8 NAG B . -4.35 11.90 9.31
N2 NAG B . -2.23 12.61 10.26
O3 NAG B . -1.72 13.90 12.73
O4 NAG B . 1.12 14.96 12.96
O5 NAG B . 1.40 12.08 10.78
O6 NAG B . 2.86 11.85 13.18
O7 NAG B . -2.91 10.45 10.53
C1 MAN B . 0.45 15.81 13.94
C2 MAN B . 1.63 16.21 14.83
C3 MAN B . 1.20 16.53 16.31
C4 MAN B . -0.23 17.12 16.34
C5 MAN B . -1.22 16.12 15.76
C6 MAN B . -2.51 16.75 15.21
O2 MAN B . 2.12 17.39 14.26
O3 MAN B . 2.12 17.42 16.99
O4 MAN B . -0.64 17.37 17.66
O5 MAN B . -0.60 15.24 14.72
O6 MAN B . -3.41 15.63 15.10
C1 MAN B . -4.81 16.00 14.99
C2 MAN B . -5.57 14.64 14.83
C3 MAN B . -5.29 14.04 13.41
C4 MAN B . -5.60 15.11 12.32
C5 MAN B . -4.71 16.37 12.57
C6 MAN B . -4.91 17.48 11.53
O2 MAN B . -6.99 14.86 14.92
O3 MAN B . -6.06 12.88 13.13
O4 MAN B . -5.43 14.56 11.02
O5 MAN B . -5.10 16.89 13.90
O6 MAN B . -6.33 17.72 11.43
C1 MAN B . -5.60 11.75 13.89
C2 MAN B . -5.84 10.47 13.03
C3 MAN B . -7.35 10.24 12.82
C4 MAN B . -8.12 10.30 14.18
C5 MAN B . -7.73 11.56 15.03
C6 MAN B . -8.35 11.57 16.43
O2 MAN B . -5.42 9.33 13.76
O3 MAN B . -7.61 8.96 12.18
O4 MAN B . -9.51 10.30 13.94
O5 MAN B . -6.26 11.64 15.16
O6 MAN B . -7.66 10.58 17.21
C1 MAN B . -4.13 8.92 13.28
C2 MAN B . -3.89 7.50 13.83
C3 MAN B . -3.60 7.53 15.30
C4 MAN B . -2.43 8.51 15.62
C5 MAN B . -2.81 9.94 15.08
C6 MAN B . -1.66 10.97 15.25
O2 MAN B . -2.65 6.94 13.24
O3 MAN B . -3.30 6.24 15.72
O4 MAN B . -2.19 8.58 17.03
O5 MAN B . -3.11 9.83 13.67
O6 MAN B . -2.18 12.30 14.90
C1 MAN B . -6.70 18.81 10.54
C2 MAN B . -8.23 18.97 10.67
C3 MAN B . -8.90 17.67 10.17
C4 MAN B . -8.45 17.30 8.70
C5 MAN B . -6.87 17.34 8.55
C6 MAN B . -6.32 17.20 7.08
O2 MAN B . -8.72 20.09 9.87
O3 MAN B . -10.32 17.67 10.29
O4 MAN B . -8.93 16.01 8.38
O5 MAN B . -6.30 18.58 9.18
O6 MAN B . -5.59 15.92 6.93
C1 MAN B . 2.84 16.85 18.11
C2 MAN B . 3.36 18.08 18.97
C3 MAN B . 4.51 18.83 18.20
C4 MAN B . 5.58 17.85 17.57
C5 MAN B . 4.87 16.70 16.83
C6 MAN B . 5.83 15.67 16.21
O2 MAN B . 3.92 17.68 20.25
O3 MAN B . 5.15 19.82 19.00
O4 MAN B . 6.46 18.54 16.66
O5 MAN B . 3.90 16.01 17.73
O6 MAN B . 5.18 14.39 16.17
C1 MAN B . 2.98 17.94 21.33
C2 MAN B . 3.77 18.01 22.68
C3 MAN B . 4.23 16.55 23.12
C4 MAN B . 3.05 15.52 23.04
C5 MAN B . 2.36 15.58 21.67
C6 MAN B . 1.15 14.65 21.58
O2 MAN B . 2.97 18.60 23.76
O3 MAN B . 4.89 16.49 24.41
O4 MAN B . 3.48 14.17 23.31
O5 MAN B . 1.92 16.96 21.40
O6 MAN B . 0.72 14.60 20.20
C10 XEE C . -23.11 3.12 4.90
C11 XEE C . -23.70 1.29 3.30
C15 XEE C . -20.66 6.68 7.54
C16 XEE C . -19.93 7.74 8.37
C18 XEE C . -21.48 9.44 7.63
C19 XEE C . -22.30 8.40 6.92
C20 XEE C . -19.04 9.75 6.98
C22 XEE C . -17.58 9.24 7.03
C23 XEE C . -21.37 1.12 2.01
C27 XEE C . -19.50 1.60 0.30
C28 XEE C . -18.62 2.73 0.73
C1 XEE C . -23.01 6.23 6.91
C12 XEE C . -22.65 1.68 2.24
C2 XEE C . -24.36 6.61 6.80
C29 XEE C . -18.63 3.91 0.02
C3 XEE C . -25.25 5.88 6.10
C30 XEE C . -16.91 4.62 1.46
C31 XEE C . -16.90 3.46 2.20
C32 XEE C . -17.75 4.91 0.39
C33 XEE C . -17.76 2.45 1.85
C4 XEE C . -22.58 5.04 6.31
C5 XEE C . -23.48 4.30 5.59
C6 XEE C . -24.82 4.69 5.45
C8 XEE C . -25.36 2.92 3.98
N14 XEE C . -22.13 7.06 7.58
N17 XEE C . -20.06 9.01 7.58
N24 XEE C . -20.85 1.77 0.98
N25 XEE C . -21.71 2.74 0.50
N26 XEE C . -22.77 2.65 1.29
N7 XEE C . -25.71 3.97 4.64
N9 XEE C . -24.06 2.49 4.08
O13 XEE C . -21.99 2.59 5.10
O21 XEE C . -19.26 10.82 6.40
CL34 XEE C . -15.74 5.78 1.83
CL35 XEE C . -15.87 3.16 3.56
C ACT D . -0.60 -15.84 2.19
O ACT D . 0.51 -15.43 1.65
OXT ACT D . -1.22 -16.91 1.93
CH3 ACT D . -1.24 -14.94 3.35
C ACT E . -3.94 -6.67 -18.37
O ACT E . -3.41 -5.71 -19.04
OXT ACT E . -5.11 -6.75 -17.85
CH3 ACT E . -3.02 -7.92 -18.18
ZN ZN F . -16.96 -9.23 1.17
NA NA G . 12.30 -20.50 14.15
CA CA H . 8.99 6.14 14.46
CA CA I . -15.64 -5.11 -0.30
K K J . 28.03 -9.43 22.72
#